data_7WUJ
#
_entry.id   7WUJ
#
loop_
_entity.id
_entity.type
_entity.pdbx_description
1 polymer mini-Gs
2 polymer 'Guanine nucleotide-binding protein G(I)/G(S)/G(T) subunit beta-1'
3 polymer 'Adhesion G-protein coupled receptor G4,Uncharacterized protein'
4 polymer scFv16
5 polymer 'Guanine nucleotide-binding protein G(I)/G(S)/G(O) subunit gamma-2'
6 polymer Nanobody-35
#
loop_
_entity_poly.entity_id
_entity_poly.type
_entity_poly.pdbx_seq_one_letter_code
_entity_poly.pdbx_strand_id
1 'polypeptide(L)'
;MGCTLSAEDKAAVERSKMIEKQLQKDKQVYRATHRLLLLGADNSGKSTIVKQMRIYHVNGYSEEECKQYKAVVYSNTIQS
IIAIIRAMGRLKIDFGDSARADDARQLFVLAGAAEEGFMTAELAGVIKRLWKDSGVQACFNRSREYQLNDSAAYYLNDLD
RIAQPNYIPTQQDVLRTRVKTSGIFETKFQVDKVNFHMFDVGAQRDERRKWIQCFNDVTAIIFVVDSSDYNRLQEALNDF
KSIWNNRWLRTISVILFLNKQDLLAEKVLAGKSKIEDYFPEFARYTTPEDATPEPGEDPRVTRAKYFIRDEFLRISTASG
DGRHYCYPHFTCSVDTENARRIFNDCRDIIQRMHLRQYELL
;
A
2 'polypeptide(L)'
;MHHHHHHLEVLFQGPGSSQSELDQLRQEAEQLKNQIRDARKACADATLSQITNNIDPVGRIQMRTRRTLRGHLAKIYAMH
WGTDSRLLVSASQDGKLIIWDSYTTNKVHAIPLRSSWVMTCAYAPSGNYVACGGLDNICSIYNLKTREGNVRVSRELAGH
TGYLSCCRFLDDNQIVTSSGDTTCALWDIETGQQTTTFTGHTGDVMSLSLAPDTRLFVSGACDASAKLWDVREGMCRQTF
TGHESDINAICFFPNGNAFATGSDDATCRLFDLRADQELMTYSHDNIICGITSVSFSKSGRLLLAGYDDFNCNVWDALKA
DRAGVLAGHDNRVSCLGVTDDGMAVATGSWDSFLKIWN
;
B
3 'polypeptide(L)'
;MKTIIALSYIFCLVFAHLTHFGVLMDLSRSTVDSVNEQILALITYTGCGISSIFLGVAVVTYIAFHKLRKDYPAKILINL
CTALLMLNLVFLINSWLSSFQKVGVCITAAVALHYFLLVSFTWMGLEAVHMYLALVKVFNIYIPNYILKFCLVGWGIPAI
MVAITVSVKKDLYGTLSPTTPFCWIKDDSIFYISVVAYFCLIFLMNLSMFCTVLVQLNSVKSQIQKTRRKMILHDLKGTM
SLTFLLGLTWGFAFFAWGPMRNFFLYLFAIFNTLQGFFIFVFHCVMKESVREQWQIHLCCGWLRLDNSSDGSSRCQIKVG
YKQEGLKKIFEHKLLTPSLKSTATSSTFKSLGSAQGTPSEISFPNDDFDKDPYCSSPHHHHHHHHGSAENLYFQGMVSKG
EEDNMAIIKEFMRFKVHMEGSVNGHEFEIEGEGEGRPYEGTQTAKLKVTKGGPLPFAWDILSPQFMYGSKAYVKHPADIP
DYLKLSFPEGFKWERVMNFEDGGVVTVTQDSSLQDGEFIYKVKLRGTNFPSDGPVMQKKTMGWEASSERMYPEDGALKGE
IKQRLKLKDGGHYDAEVKTTYKAKKPVQLPGAYNVNIKLDITSHNEDYTIVEQYERAEGRHSTGGMDELYK
;
E
4 'polypeptide(L)'
;DVQLVESGGGLVQPGGSRKLSCSASGFAFSSFGMHWVRQAPEKGLEWVAYISSGSGTIYYADTVKGRFTISRDDPKNTLF
LQMTSLRSEDTAMYYCVRSIYYYGSSPFDFWGQGTTLTVSSGGGGSGGGGSGGGGSDIVMTQATSSVPVTPGESVSISCR
SSKSLLHSNGNTYLYWFLQRPGQSPQLLIYRMSNLASGVPDRFSGSGSGTAFTLTISRLEAEDVGVYYCMQHLEYPLTFG
AGTKLELKGS
;
S
5 'polypeptide(L)' MASNNTASIAQARKLVEQLKMEANIDRIKVSKAAADLMAYCEAHAKEDPLLTPVPASENPFREKKFFCAIL Y
6 'polypeptide(L)'
;QVQLQESGGGLVQPGGSLRLSCAASGFTFSNYKMNWVRQAPGKGLEWVSDISQSGASISYTGSVKGRFTISRDNAKNTLY
LQMNSLKPEDTAVYYCARCPAPFTRDCFDVTSTTYAYRGQGTQVTVSS
;
N
#
# COMPACT_ATOMS: atom_id res chain seq x y z
N CYS A 3 4.23 27.52 -16.04
CA CYS A 3 4.88 26.54 -15.18
C CYS A 3 6.26 26.19 -15.71
N THR A 4 7.16 25.79 -14.80
CA THR A 4 8.52 25.44 -15.18
C THR A 4 8.64 24.02 -15.73
N LEU A 5 7.53 23.29 -15.85
CA LEU A 5 7.56 21.97 -16.45
C LEU A 5 7.53 22.08 -17.97
N SER A 6 8.23 21.15 -18.63
CA SER A 6 8.25 21.15 -20.09
C SER A 6 6.94 20.63 -20.64
N ALA A 7 6.82 20.68 -21.97
CA ALA A 7 5.55 20.39 -22.62
C ALA A 7 5.21 18.91 -22.55
N GLU A 8 6.22 18.05 -22.76
CA GLU A 8 5.99 16.62 -22.59
C GLU A 8 6.08 16.23 -21.13
N ASP A 9 6.45 17.16 -20.25
CA ASP A 9 6.28 16.92 -18.82
C ASP A 9 5.06 17.64 -18.28
N LYS A 10 4.43 18.50 -19.07
CA LYS A 10 3.14 19.05 -18.66
C LYS A 10 2.04 18.02 -18.85
N ALA A 11 2.18 17.17 -19.87
CA ALA A 11 1.23 16.09 -20.05
C ALA A 11 1.70 14.81 -19.40
N ALA A 12 2.94 14.78 -18.90
CA ALA A 12 3.35 13.68 -18.04
C ALA A 12 2.77 13.83 -16.65
N VAL A 13 2.35 15.04 -16.29
CA VAL A 13 1.54 15.22 -15.10
C VAL A 13 0.07 15.06 -15.44
N GLU A 14 -0.35 15.55 -16.61
CA GLU A 14 -1.76 15.47 -16.97
C GLU A 14 -2.17 14.03 -17.28
N ARG A 15 -1.22 13.20 -17.72
CA ARG A 15 -1.44 11.76 -17.65
C ARG A 15 -1.48 11.30 -16.21
N SER A 16 -0.52 11.75 -15.39
CA SER A 16 -0.41 11.27 -14.02
C SER A 16 -1.56 11.72 -13.15
N LYS A 17 -2.14 12.88 -13.45
CA LYS A 17 -3.36 13.28 -12.77
C LYS A 17 -4.54 12.42 -13.23
N MET A 18 -4.58 12.07 -14.51
CA MET A 18 -5.66 11.20 -14.98
C MET A 18 -5.42 9.76 -14.55
N ILE A 19 -4.18 9.41 -14.23
CA ILE A 19 -3.93 8.13 -13.56
C ILE A 19 -4.48 8.15 -12.15
N GLU A 20 -4.23 9.25 -11.42
CA GLU A 20 -4.80 9.42 -10.08
C GLU A 20 -6.31 9.52 -10.13
N LYS A 21 -6.85 10.10 -11.20
CA LYS A 21 -8.30 10.15 -11.39
C LYS A 21 -8.86 8.75 -11.60
N GLN A 22 -8.07 7.86 -12.19
CA GLN A 22 -8.45 6.45 -12.24
C GLN A 22 -8.24 5.78 -10.90
N LEU A 23 -7.20 6.18 -10.16
CA LEU A 23 -6.95 5.60 -8.85
C LEU A 23 -7.93 6.10 -7.80
N GLN A 24 -8.39 7.35 -7.91
CA GLN A 24 -9.43 7.82 -7.01
C GLN A 24 -10.79 7.26 -7.41
N LYS A 25 -10.91 6.78 -8.65
CA LYS A 25 -12.05 5.96 -9.01
C LYS A 25 -11.84 4.52 -8.56
N ASP A 26 -10.59 4.06 -8.54
CA ASP A 26 -10.33 2.72 -8.05
C ASP A 26 -10.33 2.68 -6.53
N LYS A 27 -10.16 3.84 -5.88
CA LYS A 27 -10.27 3.90 -4.43
C LYS A 27 -11.71 3.70 -3.99
N GLN A 28 -12.66 4.27 -4.72
CA GLN A 28 -14.07 4.07 -4.42
C GLN A 28 -14.47 2.62 -4.66
N VAL A 29 -13.80 1.95 -5.60
CA VAL A 29 -14.03 0.53 -5.79
C VAL A 29 -13.30 -0.27 -4.72
N TYR A 30 -12.14 0.21 -4.26
CA TYR A 30 -11.40 -0.51 -3.23
C TYR A 30 -12.02 -0.30 -1.85
N ARG A 31 -12.30 0.94 -1.48
CA ARG A 31 -12.70 1.23 -0.11
C ARG A 31 -14.15 0.84 0.15
N ALA A 32 -14.99 0.83 -0.88
CA ALA A 32 -16.36 0.38 -0.70
C ALA A 32 -16.54 -1.10 -0.98
N THR A 33 -15.45 -1.87 -1.09
CA THR A 33 -15.52 -3.31 -1.22
C THR A 33 -14.68 -3.95 -0.13
N HIS A 34 -15.24 -4.92 0.56
CA HIS A 34 -14.65 -5.48 1.76
C HIS A 34 -14.02 -6.83 1.44
N ARG A 35 -12.69 -6.85 1.37
CA ARG A 35 -11.96 -8.10 1.14
C ARG A 35 -12.03 -8.96 2.38
N LEU A 36 -12.24 -10.26 2.19
CA LEU A 36 -12.38 -11.22 3.29
C LEU A 36 -11.47 -12.41 3.01
N LEU A 37 -10.48 -12.62 3.86
CA LEU A 37 -9.74 -13.87 3.81
C LEU A 37 -10.66 -15.00 4.24
N LEU A 38 -10.46 -16.17 3.65
CA LEU A 38 -11.31 -17.33 3.92
C LEU A 38 -10.39 -18.51 4.12
N LEU A 39 -10.34 -19.03 5.34
CA LEU A 39 -9.29 -19.94 5.74
C LEU A 39 -9.82 -21.29 6.18
N GLY A 40 -10.75 -21.85 5.43
CA GLY A 40 -11.14 -23.21 5.69
C GLY A 40 -10.03 -24.19 5.34
N ALA A 41 -9.76 -25.12 6.25
CA ALA A 41 -8.68 -26.07 6.05
C ALA A 41 -9.14 -27.20 5.13
N ASP A 42 -8.33 -28.25 5.07
CA ASP A 42 -8.76 -29.49 4.45
C ASP A 42 -9.90 -30.10 5.28
N ASN A 43 -10.76 -30.85 4.59
CA ASN A 43 -11.99 -31.50 5.07
C ASN A 43 -12.96 -30.56 5.78
N SER A 44 -12.83 -29.24 5.61
CA SER A 44 -13.74 -28.26 6.16
C SER A 44 -14.80 -27.93 5.11
N GLY A 45 -15.57 -26.89 5.36
CA GLY A 45 -16.63 -26.51 4.45
C GLY A 45 -16.32 -25.31 3.58
N LYS A 46 -15.04 -24.97 3.39
CA LYS A 46 -14.69 -23.77 2.64
C LYS A 46 -15.09 -23.88 1.18
N SER A 47 -14.95 -25.08 0.60
CA SER A 47 -15.14 -25.25 -0.83
C SER A 47 -16.61 -25.11 -1.24
N THR A 48 -17.54 -25.31 -0.31
CA THR A 48 -18.94 -25.09 -0.60
C THR A 48 -19.48 -23.75 -0.10
N ILE A 49 -18.82 -23.13 0.88
CA ILE A 49 -19.23 -21.79 1.30
C ILE A 49 -18.86 -20.76 0.23
N VAL A 50 -17.72 -20.94 -0.42
CA VAL A 50 -17.40 -20.12 -1.59
C VAL A 50 -18.29 -20.49 -2.78
N LYS A 51 -18.92 -21.66 -2.72
CA LYS A 51 -19.97 -21.97 -3.68
C LYS A 51 -21.32 -21.46 -3.20
N GLN A 52 -21.52 -21.40 -1.88
CA GLN A 52 -22.79 -20.90 -1.35
C GLN A 52 -22.88 -19.39 -1.47
N MET A 53 -21.82 -18.68 -1.06
CA MET A 53 -21.86 -17.22 -1.07
C MET A 53 -21.82 -16.67 -2.49
N ARG A 54 -21.25 -17.41 -3.44
CA ARG A 54 -21.24 -16.97 -4.82
C ARG A 54 -22.62 -17.15 -5.47
N ILE A 55 -23.20 -18.35 -5.31
CA ILE A 55 -24.46 -18.66 -5.99
C ILE A 55 -25.63 -17.95 -5.33
N TYR A 56 -25.47 -17.48 -4.09
CA TYR A 56 -26.52 -16.70 -3.46
C TYR A 56 -26.61 -15.31 -4.08
N HIS A 57 -25.46 -14.69 -4.35
CA HIS A 57 -25.43 -13.33 -4.89
C HIS A 57 -24.06 -13.07 -5.52
N VAL A 58 -24.06 -12.44 -6.68
CA VAL A 58 -22.83 -11.91 -7.28
C VAL A 58 -22.96 -10.40 -7.45
N VAL A 179 -5.25 -20.92 -14.15
CA VAL A 179 -6.44 -21.26 -13.38
C VAL A 179 -6.27 -22.68 -12.85
N LYS A 180 -5.43 -23.47 -13.53
CA LYS A 180 -5.17 -24.84 -13.11
C LYS A 180 -4.37 -24.90 -11.82
N THR A 181 -3.57 -23.87 -11.53
CA THR A 181 -2.86 -23.78 -10.26
C THR A 181 -2.94 -22.38 -9.67
N SER A 182 -4.07 -21.70 -9.82
CA SER A 182 -4.22 -20.35 -9.29
C SER A 182 -4.30 -20.38 -7.77
N GLY A 183 -3.46 -19.58 -7.13
CA GLY A 183 -3.41 -19.55 -5.68
C GLY A 183 -4.56 -18.83 -5.00
N ILE A 184 -5.31 -18.01 -5.72
CA ILE A 184 -6.35 -17.21 -5.10
C ILE A 184 -7.61 -17.33 -5.94
N PHE A 185 -8.73 -17.65 -5.27
CA PHE A 185 -10.03 -17.64 -5.91
C PHE A 185 -10.84 -16.48 -5.34
N GLU A 186 -11.19 -15.54 -6.20
CA GLU A 186 -11.92 -14.35 -5.80
C GLU A 186 -13.40 -14.61 -5.92
N THR A 187 -14.12 -14.50 -4.80
CA THR A 187 -15.57 -14.63 -4.79
C THR A 187 -16.18 -13.27 -4.49
N LYS A 188 -16.77 -12.65 -5.50
CA LYS A 188 -17.35 -11.32 -5.39
C LYS A 188 -18.84 -11.48 -5.14
N PHE A 189 -19.24 -11.34 -3.88
CA PHE A 189 -20.64 -11.37 -3.50
C PHE A 189 -21.01 -10.07 -2.82
N GLN A 190 -22.16 -9.52 -3.20
CA GLN A 190 -22.72 -8.36 -2.53
C GLN A 190 -24.00 -8.75 -1.82
N VAL A 191 -24.14 -8.31 -0.58
CA VAL A 191 -25.33 -8.55 0.23
C VAL A 191 -25.70 -7.25 0.93
N ASP A 192 -26.98 -6.88 0.82
CA ASP A 192 -27.47 -5.52 1.09
C ASP A 192 -26.67 -4.48 0.31
N LYS A 193 -26.35 -4.81 -0.95
CA LYS A 193 -25.80 -3.90 -1.96
C LYS A 193 -24.43 -3.34 -1.57
N VAL A 194 -23.65 -4.10 -0.80
CA VAL A 194 -22.27 -3.74 -0.52
C VAL A 194 -21.37 -4.92 -0.88
N ASN A 195 -20.33 -4.63 -1.65
CA ASN A 195 -19.54 -5.67 -2.30
C ASN A 195 -18.54 -6.28 -1.31
N PHE A 196 -18.46 -7.60 -1.31
CA PHE A 196 -17.45 -8.32 -0.56
C PHE A 196 -16.62 -9.17 -1.51
N HIS A 197 -15.35 -9.36 -1.18
CA HIS A 197 -14.48 -10.29 -1.90
C HIS A 197 -14.00 -11.35 -0.92
N MET A 198 -14.63 -12.52 -0.93
CA MET A 198 -14.09 -13.65 -0.19
C MET A 198 -12.90 -14.22 -0.95
N PHE A 199 -11.77 -14.33 -0.25
CA PHE A 199 -10.54 -14.81 -0.85
C PHE A 199 -10.10 -16.09 -0.15
N ASP A 200 -10.64 -17.22 -0.57
CA ASP A 200 -10.03 -18.47 -0.15
C ASP A 200 -8.71 -18.67 -0.89
N VAL A 201 -7.82 -19.41 -0.25
CA VAL A 201 -6.43 -19.50 -0.70
C VAL A 201 -6.16 -20.91 -1.20
N GLY A 202 -6.29 -21.12 -2.50
CA GLY A 202 -6.29 -22.45 -3.05
C GLY A 202 -4.96 -23.15 -3.20
N ALA A 203 -4.12 -22.67 -4.10
CA ALA A 203 -2.99 -23.46 -4.56
C ALA A 203 -1.73 -23.27 -3.73
N GLN A 204 -1.74 -22.40 -2.73
CA GLN A 204 -0.59 -22.29 -1.86
C GLN A 204 -0.53 -23.48 -0.92
N ARG A 205 0.67 -23.82 -0.49
CA ARG A 205 0.89 -25.04 0.27
C ARG A 205 0.57 -24.79 1.75
N ASP A 206 0.95 -25.75 2.60
CA ASP A 206 0.47 -25.79 3.97
C ASP A 206 1.11 -24.70 4.82
N GLU A 207 2.29 -24.23 4.44
CA GLU A 207 2.93 -23.17 5.21
C GLU A 207 2.24 -21.85 4.94
N ARG A 208 1.38 -21.45 5.88
CA ARG A 208 0.59 -20.23 5.76
C ARG A 208 1.33 -19.01 6.22
N ARG A 209 2.55 -19.17 6.76
CA ARG A 209 3.36 -18.17 7.44
C ARG A 209 3.49 -16.83 6.72
N LYS A 210 3.61 -16.87 5.40
CA LYS A 210 3.94 -15.68 4.63
C LYS A 210 2.84 -15.20 3.69
N TRP A 211 2.02 -16.10 3.15
CA TRP A 211 0.95 -15.58 2.30
C TRP A 211 -0.23 -15.05 3.10
N ILE A 212 -0.22 -15.20 4.41
CA ILE A 212 -1.31 -14.76 5.26
C ILE A 212 -1.02 -13.34 5.72
N GLN A 213 0.26 -12.94 5.61
CA GLN A 213 0.64 -11.57 5.93
C GLN A 213 0.01 -10.61 4.96
N CYS A 214 -0.13 -11.03 3.70
CA CYS A 214 -0.72 -10.26 2.63
C CYS A 214 -2.15 -9.83 2.90
N PHE A 215 -2.85 -10.52 3.79
CA PHE A 215 -4.22 -10.21 4.16
C PHE A 215 -4.31 -9.42 5.46
N ASN A 216 -3.37 -8.52 5.73
CA ASN A 216 -3.47 -7.75 6.96
C ASN A 216 -4.47 -6.62 6.88
N ASP A 217 -4.94 -6.27 5.67
CA ASP A 217 -5.92 -5.22 5.51
C ASP A 217 -7.22 -5.75 4.91
N VAL A 218 -7.57 -6.99 5.21
CA VAL A 218 -8.88 -7.52 4.85
C VAL A 218 -9.89 -7.00 5.85
N THR A 219 -11.17 -7.26 5.60
CA THR A 219 -12.21 -6.82 6.50
C THR A 219 -12.57 -7.89 7.51
N ALA A 220 -12.31 -9.15 7.20
CA ALA A 220 -12.56 -10.27 8.10
C ALA A 220 -11.80 -11.49 7.60
N ILE A 221 -11.72 -12.48 8.46
CA ILE A 221 -11.09 -13.77 8.15
C ILE A 221 -12.15 -14.83 8.36
N ILE A 222 -12.67 -15.41 7.30
CA ILE A 222 -13.71 -16.41 7.48
C ILE A 222 -13.06 -17.76 7.68
N PHE A 223 -12.62 -18.04 8.90
CA PHE A 223 -11.85 -19.26 9.19
C PHE A 223 -12.82 -20.42 9.33
N VAL A 224 -13.18 -21.03 8.21
CA VAL A 224 -14.19 -22.08 8.22
C VAL A 224 -13.63 -23.34 8.88
N VAL A 225 -14.40 -23.92 9.79
CA VAL A 225 -13.95 -25.05 10.59
C VAL A 225 -14.83 -26.26 10.31
N ASP A 226 -14.19 -27.43 10.16
CA ASP A 226 -14.87 -28.71 10.26
C ASP A 226 -15.05 -29.04 11.74
N SER A 227 -16.23 -28.66 12.26
CA SER A 227 -16.60 -29.06 13.61
C SER A 227 -16.94 -30.54 13.69
N SER A 228 -17.20 -31.18 12.54
CA SER A 228 -17.52 -32.60 12.52
C SER A 228 -16.29 -33.43 12.84
N ASP A 229 -15.16 -33.12 12.22
CA ASP A 229 -13.94 -33.86 12.45
C ASP A 229 -13.31 -33.48 13.78
N TYR A 230 -12.25 -34.20 14.15
CA TYR A 230 -11.54 -33.96 15.39
C TYR A 230 -10.04 -34.11 15.20
N LEU A 233 -9.42 -30.82 14.31
CA LEU A 233 -10.06 -29.77 15.08
C LEU A 233 -9.08 -29.06 15.98
N GLN A 234 -8.19 -29.84 16.61
CA GLN A 234 -7.07 -29.23 17.31
C GLN A 234 -6.09 -28.60 16.32
N GLU A 235 -5.99 -29.17 15.12
CA GLU A 235 -5.29 -28.50 14.04
C GLU A 235 -6.00 -27.22 13.65
N ALA A 236 -7.34 -27.24 13.64
CA ALA A 236 -8.10 -26.02 13.40
C ALA A 236 -8.02 -25.07 14.60
N LEU A 237 -7.83 -25.63 15.80
CA LEU A 237 -7.59 -24.79 16.97
C LEU A 237 -6.23 -24.12 16.88
N ASN A 238 -5.18 -24.91 16.62
CA ASN A 238 -3.83 -24.38 16.54
C ASN A 238 -3.61 -23.53 15.30
N ASP A 239 -4.45 -23.68 14.27
CA ASP A 239 -4.43 -22.73 13.17
C ASP A 239 -5.02 -21.40 13.60
N PHE A 240 -6.22 -21.44 14.19
CA PHE A 240 -6.90 -20.22 14.65
C PHE A 240 -6.11 -19.53 15.76
N LYS A 241 -5.38 -20.30 16.57
CA LYS A 241 -4.51 -19.70 17.57
C LYS A 241 -3.37 -18.94 16.92
N SER A 242 -2.87 -19.43 15.79
CA SER A 242 -1.80 -18.74 15.09
C SER A 242 -2.32 -17.57 14.28
N ILE A 243 -3.53 -17.70 13.72
CA ILE A 243 -4.15 -16.61 12.98
C ILE A 243 -4.53 -15.48 13.92
N TRP A 244 -4.92 -15.82 15.15
CA TRP A 244 -5.25 -14.79 16.13
C TRP A 244 -4.02 -14.02 16.57
N ASN A 245 -3.05 -14.72 17.14
CA ASN A 245 -1.89 -14.06 17.73
C ASN A 245 -0.79 -13.77 16.72
N ASN A 246 -1.09 -13.76 15.43
CA ASN A 246 -0.13 -13.31 14.42
C ASN A 246 0.05 -11.81 14.51
N ARG A 247 1.27 -11.35 14.25
CA ARG A 247 1.57 -9.93 14.35
C ARG A 247 0.91 -9.09 13.25
N TRP A 248 0.45 -9.72 12.18
CA TRP A 248 -0.16 -8.98 11.09
C TRP A 248 -1.64 -9.24 10.97
N LEU A 249 -2.13 -10.36 11.48
CA LEU A 249 -3.55 -10.65 11.51
C LEU A 249 -4.20 -10.26 12.82
N ARG A 250 -3.43 -9.82 13.80
CA ARG A 250 -4.03 -9.07 14.89
C ARG A 250 -4.48 -7.72 14.34
N THR A 251 -5.53 -7.18 14.96
CA THR A 251 -6.37 -6.06 14.55
C THR A 251 -7.18 -6.39 13.30
N ILE A 252 -7.27 -7.65 12.89
CA ILE A 252 -8.33 -8.08 11.99
C ILE A 252 -8.95 -9.35 12.55
N SER A 253 -10.28 -9.42 12.49
CA SER A 253 -11.06 -10.31 13.32
C SER A 253 -11.66 -11.44 12.52
N VAL A 254 -11.64 -12.63 13.10
CA VAL A 254 -12.10 -13.83 12.42
C VAL A 254 -13.61 -13.96 12.53
N ILE A 255 -14.28 -14.10 11.40
CA ILE A 255 -15.64 -14.62 11.37
C ILE A 255 -15.49 -16.14 11.44
N LEU A 256 -15.81 -16.73 12.59
CA LEU A 256 -15.37 -18.09 12.89
C LEU A 256 -16.14 -19.14 12.10
N PHE A 257 -17.45 -18.93 11.93
CA PHE A 257 -18.23 -19.51 10.83
C PHE A 257 -18.20 -21.04 10.80
N LEU A 258 -18.51 -21.64 11.94
CA LEU A 258 -18.35 -23.08 12.13
C LEU A 258 -19.30 -23.85 11.21
N ASN A 259 -18.73 -24.46 10.18
CA ASN A 259 -19.52 -25.10 9.13
C ASN A 259 -19.74 -26.57 9.46
N LYS A 260 -20.60 -27.19 8.65
CA LYS A 260 -20.98 -28.60 8.71
C LYS A 260 -21.53 -28.96 10.09
N GLN A 261 -22.64 -28.32 10.44
CA GLN A 261 -23.40 -28.67 11.63
C GLN A 261 -24.34 -29.83 11.40
N ASP A 262 -24.69 -30.11 10.14
CA ASP A 262 -25.55 -31.25 9.83
C ASP A 262 -24.85 -32.56 10.14
N LEU A 263 -23.53 -32.60 9.99
CA LEU A 263 -22.75 -33.77 10.38
C LEU A 263 -22.10 -33.61 11.74
N LEU A 264 -22.15 -32.41 12.34
CA LEU A 264 -21.64 -32.24 13.69
C LEU A 264 -22.64 -32.77 14.71
N ALA A 265 -23.93 -32.51 14.51
CA ALA A 265 -24.96 -33.11 15.33
C ALA A 265 -25.08 -34.59 15.07
N GLU A 266 -24.77 -35.01 13.83
CA GLU A 266 -24.73 -36.44 13.51
C GLU A 266 -23.57 -37.14 14.20
N LYS A 267 -22.50 -36.40 14.51
CA LYS A 267 -21.38 -36.98 15.22
C LYS A 267 -21.62 -37.06 16.72
N VAL A 268 -22.63 -36.36 17.23
CA VAL A 268 -22.92 -36.32 18.67
C VAL A 268 -24.28 -36.95 18.95
N LEU A 269 -25.35 -36.40 18.37
CA LEU A 269 -26.69 -36.86 18.70
C LEU A 269 -27.00 -38.18 17.98
N ALA A 270 -26.80 -38.21 16.66
CA ALA A 270 -27.19 -39.39 15.89
C ALA A 270 -26.19 -40.53 16.07
N GLY A 271 -24.89 -40.23 16.03
CA GLY A 271 -23.90 -41.27 16.08
C GLY A 271 -23.40 -41.62 17.46
N LYS A 272 -22.94 -40.60 18.21
CA LYS A 272 -22.42 -40.63 19.58
C LYS A 272 -21.12 -41.41 19.74
N SER A 273 -20.57 -42.01 18.68
CA SER A 273 -19.27 -42.66 18.74
C SER A 273 -18.12 -41.67 18.55
N LYS A 274 -18.43 -40.43 18.21
CA LYS A 274 -17.45 -39.36 18.06
C LYS A 274 -17.38 -38.51 19.32
N ILE A 275 -17.45 -39.16 20.47
CA ILE A 275 -17.40 -38.47 21.76
C ILE A 275 -16.05 -37.79 21.97
N GLU A 276 -15.98 -36.96 23.01
CA GLU A 276 -14.97 -35.91 23.13
C GLU A 276 -13.76 -36.36 23.93
N ASP A 277 -13.32 -37.60 23.76
CA ASP A 277 -12.07 -38.05 24.37
C ASP A 277 -10.84 -37.29 23.85
N TYR A 278 -10.96 -36.64 22.70
CA TYR A 278 -9.92 -35.72 22.25
C TYR A 278 -9.83 -34.49 23.15
N PHE A 279 -10.95 -34.09 23.74
CA PHE A 279 -11.02 -32.83 24.50
C PHE A 279 -11.27 -33.12 25.97
N PRO A 280 -10.25 -33.00 26.83
CA PRO A 280 -10.46 -33.29 28.26
C PRO A 280 -11.25 -32.24 28.99
N GLU A 281 -11.39 -31.03 28.44
CA GLU A 281 -12.15 -29.97 29.07
C GLU A 281 -13.64 -30.03 28.77
N PHE A 282 -14.11 -31.06 28.06
CA PHE A 282 -15.53 -31.19 27.80
C PHE A 282 -16.29 -31.61 29.04
N ALA A 283 -15.65 -32.40 29.91
CA ALA A 283 -16.31 -32.87 31.12
C ALA A 283 -16.49 -31.74 32.13
N ARG A 284 -15.63 -30.72 32.06
CA ARG A 284 -15.74 -29.55 32.91
C ARG A 284 -16.48 -28.40 32.23
N TYR A 285 -17.36 -28.71 31.28
CA TYR A 285 -18.03 -27.68 30.48
C TYR A 285 -19.51 -28.00 30.34
N THR A 286 -20.31 -26.94 30.31
CA THR A 286 -21.73 -27.00 29.97
C THR A 286 -22.10 -25.70 29.30
N THR A 287 -23.13 -25.74 28.45
CA THR A 287 -23.58 -24.59 27.67
C THR A 287 -24.11 -23.50 28.59
N PRO A 288 -23.38 -22.37 28.72
CA PRO A 288 -23.71 -21.37 29.76
C PRO A 288 -25.03 -20.64 29.55
N GLU A 289 -25.16 -19.95 28.42
CA GLU A 289 -26.37 -19.24 28.05
C GLU A 289 -26.37 -19.03 26.54
N ASP A 290 -27.21 -19.77 25.83
CA ASP A 290 -27.05 -19.86 24.38
C ASP A 290 -28.35 -20.36 23.76
N ALA A 291 -28.53 -20.03 22.49
CA ALA A 291 -29.69 -20.49 21.75
C ALA A 291 -29.49 -21.92 21.28
N GLY A 296 -35.35 -27.14 16.52
CA GLY A 296 -35.33 -28.25 17.46
C GLY A 296 -34.01 -28.97 17.51
N GLU A 297 -33.10 -28.50 18.35
CA GLU A 297 -31.77 -29.08 18.49
C GLU A 297 -31.68 -29.87 19.78
N ASP A 298 -30.87 -30.91 19.77
CA ASP A 298 -30.69 -31.73 20.96
C ASP A 298 -29.84 -30.99 21.98
N PRO A 299 -30.04 -31.24 23.27
CA PRO A 299 -29.22 -30.54 24.28
C PRO A 299 -27.81 -31.04 24.36
N ARG A 300 -27.52 -32.24 23.85
CA ARG A 300 -26.16 -32.73 23.81
C ARG A 300 -25.42 -32.21 22.58
N VAL A 301 -26.16 -31.93 21.50
CA VAL A 301 -25.55 -31.32 20.31
C VAL A 301 -25.28 -29.85 20.56
N THR A 302 -26.25 -29.15 21.16
CA THR A 302 -26.09 -27.74 21.46
C THR A 302 -25.04 -27.51 22.55
N ARG A 303 -24.84 -28.49 23.42
CA ARG A 303 -23.69 -28.46 24.30
C ARG A 303 -22.39 -28.62 23.51
N ALA A 304 -22.41 -29.51 22.52
CA ALA A 304 -21.22 -29.73 21.69
C ALA A 304 -20.99 -28.55 20.76
N LYS A 305 -22.05 -28.06 20.10
CA LYS A 305 -21.91 -26.97 19.14
C LYS A 305 -21.45 -25.68 19.81
N TYR A 306 -21.86 -25.46 21.06
CA TYR A 306 -21.36 -24.33 21.83
C TYR A 306 -20.16 -24.68 22.68
N PHE A 307 -19.59 -25.87 22.48
CA PHE A 307 -18.25 -26.14 22.98
C PHE A 307 -17.20 -25.93 21.91
N ILE A 308 -17.55 -26.30 20.67
CA ILE A 308 -16.69 -26.01 19.52
C ILE A 308 -16.56 -24.50 19.36
N ARG A 309 -17.65 -23.78 19.58
CA ARG A 309 -17.59 -22.32 19.73
C ARG A 309 -16.70 -21.93 20.90
N ASP A 310 -16.81 -22.64 22.03
CA ASP A 310 -16.09 -22.23 23.23
C ASP A 310 -14.62 -22.62 23.18
N GLU A 311 -14.27 -23.60 22.35
CA GLU A 311 -12.87 -23.98 22.24
C GLU A 311 -12.07 -22.94 21.49
N PHE A 312 -12.68 -22.29 20.50
CA PHE A 312 -12.01 -21.22 19.78
C PHE A 312 -11.94 -19.95 20.61
N LEU A 313 -13.00 -19.67 21.38
CA LEU A 313 -13.05 -18.43 22.15
C LEU A 313 -12.11 -18.47 23.35
N ARG A 314 -11.71 -19.67 23.77
CA ARG A 314 -10.66 -19.77 24.78
C ARG A 314 -9.30 -19.43 24.19
N ILE A 315 -9.16 -19.48 22.87
CA ILE A 315 -7.96 -19.03 22.18
C ILE A 315 -8.18 -17.73 21.41
N SER A 316 -9.37 -17.14 21.54
CA SER A 316 -9.69 -15.88 20.88
C SER A 316 -9.67 -14.69 21.83
N THR A 317 -10.41 -14.78 22.94
CA THR A 317 -10.46 -13.68 23.89
C THR A 317 -9.23 -13.63 24.78
N ALA A 318 -8.38 -14.66 24.73
CA ALA A 318 -7.16 -14.65 25.53
C ALA A 318 -6.17 -13.62 25.03
N SER A 319 -5.98 -13.54 23.72
CA SER A 319 -5.03 -12.62 23.11
C SER A 319 -5.71 -11.75 22.05
N GLY A 320 -6.89 -11.25 22.38
CA GLY A 320 -7.60 -10.38 21.46
C GLY A 320 -7.34 -8.91 21.77
N ASP A 321 -7.48 -8.56 23.06
CA ASP A 321 -7.22 -7.22 23.59
C ASP A 321 -8.10 -6.14 22.94
N GLY A 322 -9.28 -6.53 22.46
CA GLY A 322 -10.22 -5.60 21.87
C GLY A 322 -9.87 -5.08 20.49
N ARG A 323 -8.67 -5.38 19.98
CA ARG A 323 -8.29 -4.88 18.65
C ARG A 323 -9.04 -5.62 17.56
N HIS A 324 -9.44 -6.86 17.83
CA HIS A 324 -10.17 -7.68 16.87
C HIS A 324 -11.00 -8.70 17.64
N TYR A 325 -12.27 -8.81 17.30
CA TYR A 325 -13.23 -9.62 18.04
C TYR A 325 -13.81 -10.71 17.14
N CYS A 326 -13.62 -11.96 17.55
CA CYS A 326 -14.13 -13.10 16.79
C CYS A 326 -15.65 -13.13 16.78
N TYR A 327 -16.22 -13.40 15.61
CA TYR A 327 -17.67 -13.37 15.42
C TYR A 327 -18.12 -14.74 14.93
N PRO A 328 -18.43 -15.65 15.84
CA PRO A 328 -18.69 -17.04 15.44
C PRO A 328 -20.09 -17.24 14.90
N HIS A 329 -20.26 -18.32 14.15
CA HIS A 329 -21.54 -18.70 13.60
C HIS A 329 -21.63 -20.22 13.54
N PHE A 330 -22.73 -20.70 12.97
CA PHE A 330 -22.94 -22.11 12.70
C PHE A 330 -23.53 -22.23 11.29
N THR A 331 -22.87 -23.00 10.44
CA THR A 331 -23.24 -23.06 9.03
C THR A 331 -23.28 -24.50 8.56
N CYS A 332 -23.84 -24.70 7.37
CA CYS A 332 -23.92 -26.01 6.74
C CYS A 332 -23.90 -25.82 5.23
N SER A 333 -24.25 -26.88 4.50
CA SER A 333 -24.39 -26.74 3.05
C SER A 333 -25.71 -26.10 2.68
N VAL A 334 -26.70 -26.17 3.57
CA VAL A 334 -28.04 -25.66 3.32
C VAL A 334 -28.27 -24.46 4.24
N ASP A 335 -27.21 -23.72 4.53
CA ASP A 335 -27.31 -22.58 5.44
C ASP A 335 -28.14 -21.45 4.83
N THR A 336 -27.70 -20.93 3.66
CA THR A 336 -28.39 -19.97 2.80
C THR A 336 -28.54 -18.58 3.41
N GLU A 337 -28.13 -18.41 4.66
CA GLU A 337 -27.93 -17.11 5.29
C GLU A 337 -26.47 -16.92 5.65
N ASN A 338 -25.59 -17.63 4.94
CA ASN A 338 -24.17 -17.62 5.26
C ASN A 338 -23.52 -16.30 4.86
N ALA A 339 -23.97 -15.70 3.77
CA ALA A 339 -23.44 -14.39 3.37
C ALA A 339 -24.02 -13.30 4.25
N ARG A 340 -25.26 -13.46 4.69
CA ARG A 340 -25.84 -12.52 5.65
C ARG A 340 -25.18 -12.67 7.02
N ARG A 341 -24.75 -13.88 7.36
CA ARG A 341 -23.97 -14.08 8.58
C ARG A 341 -22.60 -13.43 8.49
N ILE A 342 -22.07 -13.28 7.27
CA ILE A 342 -20.85 -12.50 7.09
C ILE A 342 -21.14 -11.02 7.30
N PHE A 343 -22.02 -10.46 6.49
CA PHE A 343 -22.26 -9.02 6.41
C PHE A 343 -22.76 -8.42 7.72
N ASN A 344 -23.59 -9.16 8.45
CA ASN A 344 -24.06 -8.66 9.74
C ASN A 344 -22.97 -8.74 10.79
N ASP A 345 -22.04 -9.69 10.64
CA ASP A 345 -20.88 -9.75 11.51
C ASP A 345 -19.65 -9.15 10.87
N CYS A 346 -19.76 -8.60 9.67
CA CYS A 346 -18.72 -7.78 9.06
C CYS A 346 -18.99 -6.31 9.27
N ARG A 347 -20.27 -5.95 9.35
CA ARG A 347 -20.68 -4.67 9.89
C ARG A 347 -20.17 -4.51 11.31
N ASP A 348 -20.28 -5.56 12.12
CA ASP A 348 -19.86 -5.60 13.52
C ASP A 348 -18.34 -5.52 13.68
N ILE A 349 -17.57 -5.54 12.60
CA ILE A 349 -16.13 -5.28 12.66
C ILE A 349 -15.82 -3.85 12.30
N ILE A 350 -16.37 -3.40 11.16
CA ILE A 350 -16.19 -2.03 10.69
C ILE A 350 -16.84 -1.04 11.65
N GLN A 351 -17.94 -1.45 12.30
CA GLN A 351 -18.47 -0.66 13.41
C GLN A 351 -17.48 -0.64 14.56
N ARG A 352 -16.99 -1.81 14.96
CA ARG A 352 -16.01 -1.89 16.03
C ARG A 352 -14.66 -1.30 15.64
N MET A 353 -14.35 -1.24 14.35
CA MET A 353 -13.14 -0.54 13.92
C MET A 353 -13.31 0.96 14.09
N HIS A 354 -14.51 1.46 13.83
CA HIS A 354 -14.75 2.89 13.93
C HIS A 354 -15.00 3.31 15.37
N LEU A 355 -15.56 2.41 16.17
CA LEU A 355 -15.70 2.69 17.60
C LEU A 355 -14.35 2.74 18.29
N ARG A 356 -13.37 1.99 17.79
CA ARG A 356 -12.03 2.07 18.33
C ARG A 356 -11.29 3.32 17.86
N GLN A 357 -11.78 3.96 16.79
CA GLN A 357 -11.20 5.23 16.36
C GLN A 357 -11.76 6.39 17.17
N TYR A 358 -12.98 6.25 17.67
CA TYR A 358 -13.57 7.19 18.60
C TYR A 358 -13.21 6.90 20.05
N GLU A 359 -12.36 5.89 20.25
CA GLU A 359 -11.98 5.39 21.57
C GLU A 359 -13.23 4.92 22.33
N LEU A 360 -14.37 4.89 21.62
CA LEU A 360 -15.65 4.47 22.18
C LEU A 360 -15.65 3.02 22.61
N LEU A 361 -15.07 2.15 21.79
CA LEU A 361 -15.03 0.73 22.09
C LEU A 361 -13.64 0.15 21.88
N LEU B 25 19.53 -42.07 5.72
CA LEU B 25 20.34 -41.13 4.97
C LEU B 25 20.38 -39.79 5.69
N ARG B 26 19.38 -39.55 6.56
CA ARG B 26 19.28 -38.29 7.27
C ARG B 26 20.42 -38.14 8.28
N GLN B 27 20.88 -39.24 8.85
CA GLN B 27 22.10 -39.19 9.66
C GLN B 27 23.34 -39.35 8.80
N GLU B 28 23.18 -39.84 7.56
CA GLU B 28 24.31 -40.00 6.67
C GLU B 28 24.62 -38.72 5.90
N ALA B 29 23.58 -37.94 5.57
CA ALA B 29 23.78 -36.66 4.91
C ALA B 29 24.06 -35.53 5.89
N GLU B 30 23.94 -35.79 7.20
CA GLU B 30 24.21 -34.75 8.18
C GLU B 30 25.69 -34.44 8.27
N GLN B 31 26.54 -35.47 8.17
CA GLN B 31 27.98 -35.25 8.21
C GLN B 31 28.47 -34.53 6.96
N LEU B 32 27.78 -34.72 5.83
CA LEU B 32 28.16 -34.00 4.62
C LEU B 32 27.71 -32.55 4.69
N LYS B 33 26.58 -32.29 5.36
CA LYS B 33 26.22 -30.91 5.70
C LYS B 33 27.11 -30.40 6.82
N ASN B 34 27.64 -31.29 7.66
CA ASN B 34 28.69 -30.93 8.59
C ASN B 34 30.05 -30.83 7.91
N GLN B 35 30.22 -31.41 6.73
CA GLN B 35 31.43 -31.16 5.97
C GLN B 35 31.46 -29.74 5.43
N ILE B 36 30.29 -29.15 5.16
CA ILE B 36 30.22 -27.77 4.71
C ILE B 36 30.54 -26.81 5.85
N ARG B 37 30.06 -27.11 7.06
CA ARG B 37 30.23 -26.17 8.18
C ARG B 37 31.66 -26.16 8.69
N ASP B 38 32.43 -27.21 8.40
CA ASP B 38 33.85 -27.21 8.76
C ASP B 38 34.75 -26.88 7.58
N ALA B 39 34.26 -27.02 6.35
CA ALA B 39 34.96 -26.39 5.23
C ALA B 39 34.83 -24.88 5.30
N ARG B 40 33.67 -24.39 5.75
CA ARG B 40 33.51 -22.96 6.00
C ARG B 40 34.27 -22.53 7.25
N LYS B 41 34.43 -23.44 8.22
CA LYS B 41 35.25 -23.11 9.38
C LYS B 41 36.73 -23.13 9.03
N ALA B 42 37.11 -23.88 7.99
CA ALA B 42 38.50 -23.89 7.55
C ALA B 42 38.88 -22.57 6.91
N CYS B 43 37.93 -21.92 6.23
CA CYS B 43 38.15 -20.58 5.70
C CYS B 43 37.91 -19.49 6.72
N ALA B 44 37.37 -19.83 7.90
CA ALA B 44 37.00 -18.83 8.91
C ALA B 44 38.25 -18.30 9.60
N ASP B 45 38.96 -17.42 8.90
CA ASP B 45 40.18 -16.83 9.44
C ASP B 45 39.87 -15.66 10.35
N ALA B 46 39.26 -14.61 9.80
CA ALA B 46 38.89 -13.44 10.58
C ALA B 46 37.60 -12.86 10.00
N THR B 47 36.73 -12.39 10.89
CA THR B 47 35.42 -11.91 10.49
C THR B 47 35.53 -10.57 9.77
N LEU B 48 34.45 -10.20 9.07
CA LEU B 48 34.40 -8.90 8.39
C LEU B 48 34.39 -7.76 9.40
N SER B 49 33.80 -7.98 10.57
CA SER B 49 33.83 -6.96 11.62
C SER B 49 35.23 -6.81 12.19
N GLN B 50 36.00 -7.89 12.24
CA GLN B 50 37.39 -7.81 12.68
C GLN B 50 38.26 -7.20 11.60
N ILE B 51 37.94 -7.46 10.33
CA ILE B 51 38.70 -6.89 9.22
C ILE B 51 38.45 -5.38 9.13
N THR B 52 37.20 -4.98 9.25
CA THR B 52 36.82 -3.58 9.06
C THR B 52 36.81 -2.81 10.37
N ASN B 53 37.66 -3.17 11.33
CA ASN B 53 37.76 -2.39 12.56
C ASN B 53 38.58 -1.13 12.37
N ASN B 54 39.32 -1.02 11.27
CA ASN B 54 40.18 0.13 11.01
C ASN B 54 39.74 0.94 9.81
N ILE B 55 38.48 0.86 9.41
CA ILE B 55 37.95 1.63 8.28
C ILE B 55 36.84 2.53 8.79
N ASP B 56 36.94 3.82 8.46
CA ASP B 56 36.00 4.81 8.97
C ASP B 56 34.62 4.62 8.34
N PRO B 57 33.56 4.58 9.13
CA PRO B 57 32.22 4.32 8.57
C PRO B 57 31.64 5.54 7.90
N VAL B 58 30.40 5.37 7.43
CA VAL B 58 29.64 6.49 6.86
C VAL B 58 29.14 7.39 7.99
N GLY B 59 29.07 6.88 9.21
CA GLY B 59 28.60 7.66 10.33
C GLY B 59 27.10 7.85 10.35
N ARG B 60 26.60 8.56 11.36
CA ARG B 60 25.17 8.83 11.44
C ARG B 60 24.79 9.85 10.37
N ILE B 61 24.28 9.35 9.24
CA ILE B 61 23.95 10.19 8.08
C ILE B 61 22.45 10.45 8.08
N GLN B 62 22.10 11.73 7.92
CA GLN B 62 20.72 12.05 7.64
C GLN B 62 20.40 11.66 6.20
N MET B 63 19.21 11.11 6.01
CA MET B 63 18.72 10.75 4.68
C MET B 63 17.23 11.05 4.68
N ARG B 64 16.78 11.88 3.75
CA ARG B 64 15.48 12.51 3.85
C ARG B 64 14.57 12.02 2.73
N THR B 65 13.27 12.01 2.99
CA THR B 65 12.29 11.65 1.99
C THR B 65 12.19 12.77 0.97
N ARG B 66 12.40 12.44 -0.29
CA ARG B 66 12.36 13.45 -1.35
C ARG B 66 10.99 13.49 -2.01
N ARG B 67 10.51 12.35 -2.48
CA ARG B 67 9.16 12.23 -3.01
C ARG B 67 8.39 11.20 -2.20
N THR B 68 7.27 11.63 -1.62
CA THR B 68 6.27 10.71 -1.13
C THR B 68 5.37 10.39 -2.32
N LEU B 69 5.32 9.13 -2.71
CA LEU B 69 4.59 8.73 -3.90
C LEU B 69 3.20 8.27 -3.47
N ARG B 70 2.35 9.25 -3.21
CA ARG B 70 0.94 8.97 -2.91
C ARG B 70 0.24 8.48 -4.16
N GLY B 71 -0.77 7.65 -3.98
CA GLY B 71 -1.58 7.24 -5.10
C GLY B 71 -1.96 5.78 -5.11
N HIS B 72 -1.26 4.95 -4.34
CA HIS B 72 -1.70 3.58 -4.16
C HIS B 72 -2.95 3.54 -3.31
N LEU B 73 -3.50 2.33 -3.13
CA LEU B 73 -4.66 2.18 -2.28
C LEU B 73 -4.46 1.17 -1.17
N ALA B 74 -3.48 0.29 -1.30
CA ALA B 74 -3.28 -0.75 -0.31
C ALA B 74 -1.82 -0.88 0.09
N LYS B 75 -1.51 -1.97 0.78
CA LYS B 75 -0.15 -2.26 1.19
C LYS B 75 0.75 -2.47 -0.02
N ILE B 76 1.82 -1.70 -0.10
CA ILE B 76 2.77 -1.79 -1.22
C ILE B 76 3.64 -3.00 -0.92
N TYR B 77 3.42 -4.09 -1.66
CA TYR B 77 4.10 -5.33 -1.31
C TYR B 77 5.54 -5.34 -1.78
N ALA B 78 5.78 -4.98 -3.05
CA ALA B 78 7.16 -4.81 -3.49
C ALA B 78 7.23 -3.77 -4.59
N MET B 79 8.27 -2.96 -4.53
CA MET B 79 8.66 -2.11 -5.64
C MET B 79 9.91 -2.64 -6.32
N HIS B 80 10.16 -2.10 -7.50
CA HIS B 80 11.42 -2.35 -8.19
C HIS B 80 11.78 -1.12 -8.99
N TRP B 81 13.08 -0.89 -9.13
CA TRP B 81 13.61 0.23 -9.87
C TRP B 81 13.88 -0.14 -11.31
N GLY B 82 13.77 0.83 -12.19
CA GLY B 82 14.34 0.67 -13.51
C GLY B 82 15.86 0.68 -13.44
N THR B 83 16.48 0.09 -14.47
CA THR B 83 17.91 0.28 -14.66
C THR B 83 18.21 1.66 -15.23
N ASP B 84 17.18 2.34 -15.75
CA ASP B 84 17.25 3.75 -16.12
C ASP B 84 17.24 4.69 -14.93
N SER B 85 17.24 4.17 -13.70
CA SER B 85 17.42 4.87 -12.43
C SER B 85 16.27 5.79 -12.06
N ARG B 86 15.29 5.97 -12.91
CA ARG B 86 14.23 6.94 -12.70
C ARG B 86 12.85 6.31 -12.67
N LEU B 87 12.60 5.35 -13.55
CA LEU B 87 11.30 4.70 -13.60
C LEU B 87 11.19 3.70 -12.46
N LEU B 88 10.18 3.90 -11.63
CA LEU B 88 9.94 3.06 -10.47
C LEU B 88 8.59 2.38 -10.59
N VAL B 89 8.57 1.07 -10.50
CA VAL B 89 7.30 0.35 -10.45
C VAL B 89 7.14 -0.19 -9.04
N SER B 90 5.90 -0.22 -8.55
CA SER B 90 5.59 -0.80 -7.25
C SER B 90 4.33 -1.63 -7.34
N ALA B 91 4.31 -2.71 -6.56
CA ALA B 91 3.17 -3.60 -6.45
C ALA B 91 2.48 -3.33 -5.14
N SER B 92 1.27 -2.80 -5.21
CA SER B 92 0.44 -2.69 -4.03
C SER B 92 -0.68 -3.71 -4.12
N GLN B 93 -1.09 -4.23 -2.97
CA GLN B 93 -2.06 -5.32 -2.99
C GLN B 93 -3.48 -4.79 -3.03
N ASP B 94 -3.74 -3.87 -3.95
CA ASP B 94 -5.06 -3.44 -4.31
C ASP B 94 -5.42 -3.85 -5.73
N GLY B 95 -4.57 -4.66 -6.36
CA GLY B 95 -4.69 -4.89 -7.77
C GLY B 95 -4.21 -3.73 -8.60
N LYS B 96 -3.13 -3.07 -8.18
CA LYS B 96 -2.58 -1.95 -8.92
C LYS B 96 -1.07 -2.04 -8.92
N LEU B 97 -0.50 -2.17 -10.12
CA LEU B 97 0.91 -2.00 -10.37
C LEU B 97 1.08 -0.60 -10.92
N ILE B 98 1.82 0.25 -10.23
CA ILE B 98 1.96 1.64 -10.65
C ILE B 98 3.42 1.89 -11.00
N ILE B 99 3.66 2.33 -12.24
CA ILE B 99 4.99 2.74 -12.68
C ILE B 99 5.11 4.24 -12.42
N TRP B 100 6.13 4.63 -11.68
CA TRP B 100 6.32 6.01 -11.22
C TRP B 100 7.43 6.67 -12.02
N ASP B 101 7.17 7.89 -12.48
CA ASP B 101 8.25 8.84 -12.72
C ASP B 101 8.69 9.28 -11.33
N SER B 102 9.77 8.67 -10.83
CA SER B 102 10.16 8.90 -9.45
C SER B 102 10.81 10.27 -9.28
N TYR B 103 11.34 10.84 -10.37
CA TYR B 103 11.99 12.14 -10.26
C TYR B 103 10.94 13.24 -10.11
N THR B 104 9.83 13.14 -10.83
CA THR B 104 8.84 14.19 -10.86
C THR B 104 7.53 13.83 -10.17
N THR B 105 7.48 12.73 -9.43
CA THR B 105 6.34 12.18 -8.66
C THR B 105 5.23 11.70 -9.60
N ASN B 106 5.43 11.76 -10.92
CA ASN B 106 4.37 11.42 -11.86
C ASN B 106 4.16 9.92 -11.91
N LYS B 107 2.93 9.52 -12.13
CA LYS B 107 2.60 8.12 -12.34
C LYS B 107 2.66 7.85 -13.83
N VAL B 108 3.69 7.12 -14.23
CA VAL B 108 3.90 6.81 -15.64
C VAL B 108 2.86 5.81 -16.13
N HIS B 109 2.57 4.79 -15.35
CA HIS B 109 1.51 3.84 -15.66
C HIS B 109 0.90 3.38 -14.36
N ALA B 110 -0.40 3.05 -14.40
CA ALA B 110 -1.04 2.27 -13.37
C ALA B 110 -1.70 1.08 -14.03
N ILE B 111 -1.43 -0.10 -13.51
CA ILE B 111 -1.91 -1.33 -14.14
C ILE B 111 -2.95 -2.01 -13.27
N PRO B 112 -4.21 -2.05 -13.67
CA PRO B 112 -5.21 -2.83 -12.94
C PRO B 112 -4.96 -4.32 -13.13
N LEU B 113 -4.51 -4.99 -12.08
CA LEU B 113 -4.13 -6.37 -12.19
C LEU B 113 -5.34 -7.29 -12.07
N ARG B 114 -5.16 -8.53 -12.51
CA ARG B 114 -6.15 -9.57 -12.30
C ARG B 114 -6.03 -10.18 -10.91
N SER B 115 -4.81 -10.48 -10.49
CA SER B 115 -4.52 -10.91 -9.12
C SER B 115 -4.44 -9.66 -8.26
N SER B 116 -5.43 -9.45 -7.41
CA SER B 116 -5.42 -8.29 -6.54
C SER B 116 -4.41 -8.42 -5.42
N TRP B 117 -3.97 -9.64 -5.11
CA TRP B 117 -2.95 -9.87 -4.09
C TRP B 117 -1.63 -10.10 -4.80
N VAL B 118 -0.96 -9.01 -5.13
CA VAL B 118 0.32 -9.10 -5.81
C VAL B 118 1.42 -8.98 -4.76
N MET B 119 2.27 -9.98 -4.68
CA MET B 119 3.28 -10.00 -3.65
C MET B 119 4.58 -9.35 -4.06
N THR B 120 4.81 -9.15 -5.35
CA THR B 120 6.12 -8.76 -5.79
C THR B 120 6.04 -8.07 -7.13
N CYS B 121 7.13 -7.42 -7.50
CA CYS B 121 7.17 -6.69 -8.75
C CYS B 121 8.59 -6.62 -9.26
N ALA B 122 8.70 -6.57 -10.59
CA ALA B 122 9.99 -6.64 -11.27
C ALA B 122 9.93 -5.79 -12.52
N TYR B 123 10.76 -4.76 -12.56
CA TYR B 123 10.90 -3.91 -13.74
C TYR B 123 12.02 -4.49 -14.58
N ALA B 124 11.80 -4.58 -15.89
CA ALA B 124 12.79 -5.18 -16.77
C ALA B 124 13.99 -4.26 -16.90
N PRO B 125 15.20 -4.80 -17.11
CA PRO B 125 16.34 -3.93 -17.40
C PRO B 125 16.22 -3.24 -18.75
N SER B 126 15.52 -3.87 -19.70
CA SER B 126 15.20 -3.19 -20.95
C SER B 126 14.18 -2.08 -20.74
N GLY B 127 13.37 -2.17 -19.70
CA GLY B 127 12.35 -1.19 -19.44
C GLY B 127 11.08 -1.37 -20.22
N ASN B 128 11.02 -2.35 -21.12
CA ASN B 128 9.81 -2.55 -21.91
C ASN B 128 8.77 -3.35 -21.15
N TYR B 129 9.20 -4.12 -20.16
CA TYR B 129 8.36 -5.11 -19.52
C TYR B 129 8.31 -4.88 -18.02
N VAL B 130 7.25 -5.38 -17.40
CA VAL B 130 7.14 -5.39 -15.96
C VAL B 130 6.33 -6.62 -15.55
N ALA B 131 6.68 -7.17 -14.40
CA ALA B 131 6.01 -8.36 -13.87
C ALA B 131 5.31 -7.99 -12.57
N CYS B 132 4.05 -8.38 -12.45
CA CYS B 132 3.43 -8.51 -11.14
C CYS B 132 3.46 -10.00 -10.82
N GLY B 133 3.99 -10.34 -9.65
CA GLY B 133 3.92 -11.71 -9.24
C GLY B 133 2.90 -11.87 -8.14
N GLY B 134 1.71 -12.33 -8.50
CA GLY B 134 0.60 -12.33 -7.59
C GLY B 134 0.70 -13.39 -6.51
N LEU B 135 -0.30 -13.37 -5.63
CA LEU B 135 -0.54 -14.51 -4.76
C LEU B 135 -1.20 -15.61 -5.57
N ASP B 136 -2.16 -15.24 -6.41
CA ASP B 136 -2.54 -16.06 -7.54
C ASP B 136 -1.31 -16.32 -8.40
N ASN B 137 -1.04 -17.59 -8.70
CA ASN B 137 0.29 -18.03 -9.07
C ASN B 137 0.56 -17.79 -10.56
N ILE B 138 0.51 -16.53 -10.95
CA ILE B 138 0.79 -16.11 -12.31
C ILE B 138 1.76 -14.95 -12.24
N CYS B 139 2.80 -14.99 -13.08
CA CYS B 139 3.71 -13.87 -13.25
C CYS B 139 3.25 -13.12 -14.47
N SER B 140 2.26 -12.25 -14.26
CA SER B 140 1.68 -11.50 -15.37
C SER B 140 2.69 -10.48 -15.86
N ILE B 141 3.32 -10.79 -16.98
CA ILE B 141 4.35 -9.95 -17.57
C ILE B 141 3.61 -8.89 -18.37
N TYR B 142 3.62 -7.65 -17.89
CA TYR B 142 2.96 -6.57 -18.59
C TYR B 142 3.93 -5.89 -19.53
N ASN B 143 3.50 -5.69 -20.77
CA ASN B 143 4.30 -5.03 -21.79
C ASN B 143 3.98 -3.55 -21.74
N LEU B 144 4.93 -2.75 -21.27
CA LEU B 144 4.71 -1.31 -21.19
C LEU B 144 4.80 -0.66 -22.55
N LYS B 145 5.81 -1.02 -23.33
CA LYS B 145 6.07 -0.40 -24.63
C LYS B 145 5.31 -1.10 -25.75
N THR B 146 3.99 -1.20 -25.59
CA THR B 146 3.16 -1.75 -26.64
C THR B 146 2.94 -0.71 -27.73
N ARG B 147 2.56 -1.19 -28.92
CA ARG B 147 2.06 -0.27 -29.94
C ARG B 147 0.74 0.33 -29.52
N GLU B 148 -0.04 -0.41 -28.74
CA GLU B 148 -1.18 0.18 -28.05
C GLU B 148 -0.69 0.96 -26.84
N GLY B 149 -1.48 1.93 -26.40
CA GLY B 149 -1.13 2.64 -25.18
C GLY B 149 -1.46 1.86 -23.93
N ASN B 150 -2.37 0.91 -24.03
CA ASN B 150 -2.73 0.08 -22.89
C ASN B 150 -1.58 -0.83 -22.52
N VAL B 151 -1.35 -0.99 -21.22
CA VAL B 151 -0.34 -1.92 -20.73
C VAL B 151 -1.03 -3.28 -20.66
N ARG B 152 -1.04 -3.97 -21.79
CA ARG B 152 -1.58 -5.32 -21.81
C ARG B 152 -0.56 -6.26 -21.19
N VAL B 153 -1.07 -7.38 -20.67
CA VAL B 153 -0.18 -8.44 -20.19
C VAL B 153 0.33 -9.23 -21.38
N SER B 154 1.63 -9.43 -21.43
CA SER B 154 2.21 -10.16 -22.55
C SER B 154 2.16 -11.67 -22.32
N ARG B 155 2.52 -12.11 -21.11
CA ARG B 155 2.50 -13.54 -20.81
C ARG B 155 2.24 -13.69 -19.32
N GLU B 156 0.99 -13.97 -18.95
CA GLU B 156 0.67 -14.37 -17.59
C GLU B 156 1.26 -15.75 -17.37
N LEU B 157 2.40 -15.82 -16.66
CA LEU B 157 3.19 -17.04 -16.57
C LEU B 157 2.56 -17.96 -15.54
N ALA B 158 1.55 -18.70 -15.98
CA ALA B 158 0.83 -19.61 -15.11
C ALA B 158 1.70 -20.82 -14.77
N GLY B 159 1.70 -21.19 -13.51
CA GLY B 159 2.43 -22.35 -13.05
C GLY B 159 2.82 -22.16 -11.59
N HIS B 160 3.95 -22.80 -11.24
CA HIS B 160 4.82 -22.42 -10.13
C HIS B 160 4.26 -22.73 -8.74
N THR B 161 3.00 -23.19 -8.70
CA THR B 161 2.30 -23.87 -7.58
C THR B 161 2.61 -23.33 -6.17
N GLY B 162 2.60 -22.00 -6.06
CA GLY B 162 2.82 -21.35 -4.78
C GLY B 162 2.83 -19.86 -4.98
N TYR B 163 2.72 -19.07 -3.91
CA TYR B 163 2.61 -17.62 -4.04
C TYR B 163 3.86 -17.03 -4.65
N LEU B 164 3.70 -16.22 -5.68
CA LEU B 164 4.85 -15.73 -6.43
C LEU B 164 5.48 -14.63 -5.60
N SER B 165 6.46 -15.03 -4.80
CA SER B 165 7.02 -14.21 -3.74
C SER B 165 8.06 -13.23 -4.25
N CYS B 166 8.81 -13.57 -5.28
CA CYS B 166 9.63 -12.60 -5.98
C CYS B 166 9.76 -13.00 -7.44
N CYS B 167 10.14 -12.01 -8.24
CA CYS B 167 10.49 -12.24 -9.63
C CYS B 167 11.49 -11.16 -10.00
N ARG B 168 12.41 -11.49 -10.90
CA ARG B 168 13.45 -10.57 -11.32
C ARG B 168 13.74 -10.83 -12.79
N PHE B 169 13.51 -9.83 -13.63
CA PHE B 169 13.75 -9.95 -15.06
C PHE B 169 15.24 -10.09 -15.35
N LEU B 170 15.60 -11.13 -16.10
CA LEU B 170 16.94 -11.19 -16.67
C LEU B 170 17.05 -10.37 -17.95
N ASP B 171 16.11 -10.57 -18.87
CA ASP B 171 16.07 -9.82 -20.12
C ASP B 171 14.61 -9.54 -20.42
N ASP B 172 14.34 -9.14 -21.67
CA ASP B 172 12.97 -8.84 -22.05
C ASP B 172 12.13 -10.10 -22.20
N ASN B 173 12.77 -11.21 -22.55
CA ASN B 173 12.06 -12.47 -22.77
C ASN B 173 12.64 -13.60 -21.92
N GLN B 174 13.07 -13.27 -20.70
CA GLN B 174 13.57 -14.25 -19.75
C GLN B 174 13.51 -13.66 -18.35
N ILE B 175 12.72 -14.27 -17.47
CA ILE B 175 12.56 -13.82 -16.09
C ILE B 175 12.77 -15.01 -15.16
N VAL B 176 13.44 -14.79 -14.05
CA VAL B 176 13.47 -15.78 -12.97
C VAL B 176 12.46 -15.34 -11.93
N THR B 177 11.78 -16.31 -11.32
CA THR B 177 10.65 -16.04 -10.46
C THR B 177 10.71 -16.97 -9.26
N SER B 178 10.37 -16.44 -8.09
CA SER B 178 10.33 -17.18 -6.84
C SER B 178 8.89 -17.54 -6.51
N SER B 179 8.69 -18.66 -5.82
CA SER B 179 7.35 -19.15 -5.56
C SER B 179 7.17 -19.38 -4.06
N GLY B 180 5.91 -19.54 -3.67
CA GLY B 180 5.63 -20.07 -2.36
C GLY B 180 5.82 -21.58 -2.31
N ASP B 181 5.72 -22.23 -3.46
CA ASP B 181 6.30 -23.54 -3.61
C ASP B 181 7.80 -23.41 -3.39
N THR B 182 8.41 -24.40 -2.74
CA THR B 182 9.81 -24.28 -2.36
C THR B 182 10.74 -24.45 -3.55
N THR B 183 10.59 -23.58 -4.56
CA THR B 183 11.20 -23.78 -5.87
C THR B 183 11.13 -22.47 -6.64
N CYS B 184 12.27 -22.00 -7.12
CA CYS B 184 12.30 -20.86 -8.03
C CYS B 184 12.26 -21.38 -9.46
N ALA B 185 11.74 -20.57 -10.37
CA ALA B 185 11.62 -20.99 -11.76
C ALA B 185 12.09 -19.88 -12.69
N LEU B 186 12.94 -20.24 -13.64
CA LEU B 186 13.33 -19.35 -14.71
C LEU B 186 12.38 -19.54 -15.88
N TRP B 187 11.85 -18.44 -16.40
CA TRP B 187 10.79 -18.48 -17.40
C TRP B 187 11.27 -17.91 -18.72
N ASP B 188 10.41 -18.02 -19.73
CA ASP B 188 10.59 -17.39 -21.03
C ASP B 188 9.25 -16.78 -21.41
N ILE B 189 9.21 -15.45 -21.49
CA ILE B 189 7.96 -14.73 -21.70
C ILE B 189 7.41 -15.01 -23.11
N GLU B 190 8.31 -15.13 -24.09
CA GLU B 190 7.88 -15.35 -25.47
C GLU B 190 7.26 -16.73 -25.65
N THR B 191 7.76 -17.72 -24.92
CA THR B 191 7.13 -19.04 -24.92
C THR B 191 5.96 -19.08 -23.95
N GLY B 192 6.24 -18.86 -22.67
CA GLY B 192 5.22 -18.87 -21.65
C GLY B 192 5.35 -20.04 -20.70
N GLN B 193 6.53 -20.64 -20.66
CA GLN B 193 6.77 -21.85 -19.89
C GLN B 193 8.08 -21.73 -19.13
N GLN B 194 8.10 -22.28 -17.92
CA GLN B 194 9.29 -22.25 -17.07
C GLN B 194 10.36 -23.13 -17.70
N THR B 195 11.44 -22.51 -18.19
CA THR B 195 12.50 -23.28 -18.82
C THR B 195 13.32 -24.04 -17.78
N THR B 196 13.60 -23.41 -16.66
CA THR B 196 14.32 -24.03 -15.57
C THR B 196 13.46 -23.92 -14.32
N THR B 197 13.58 -24.91 -13.43
CA THR B 197 12.87 -24.89 -12.15
C THR B 197 13.88 -25.28 -11.08
N PHE B 198 14.28 -24.30 -10.28
CA PHE B 198 15.31 -24.47 -9.27
C PHE B 198 14.68 -25.00 -8.00
N THR B 199 14.89 -26.26 -7.69
CA THR B 199 14.07 -27.01 -6.73
C THR B 199 14.96 -27.57 -5.62
N GLY B 200 15.73 -26.68 -5.01
CA GLY B 200 16.62 -27.09 -3.93
C GLY B 200 16.09 -26.72 -2.56
N HIS B 201 15.20 -25.73 -2.51
CA HIS B 201 14.69 -25.24 -1.25
C HIS B 201 13.78 -26.25 -0.59
N THR B 202 13.86 -26.32 0.74
CA THR B 202 12.96 -27.13 1.54
C THR B 202 11.87 -26.27 2.19
N GLY B 203 11.89 -24.98 1.94
CA GLY B 203 10.89 -24.08 2.48
C GLY B 203 10.59 -23.03 1.44
N ASP B 204 9.47 -22.34 1.65
CA ASP B 204 8.91 -21.38 0.71
C ASP B 204 9.85 -20.23 0.41
N VAL B 205 10.29 -20.11 -0.84
CA VAL B 205 11.32 -19.14 -1.17
C VAL B 205 10.71 -17.75 -1.29
N MET B 206 11.02 -16.89 -0.32
CA MET B 206 10.30 -15.63 -0.12
C MET B 206 10.84 -14.51 -1.00
N SER B 207 12.08 -14.60 -1.44
CA SER B 207 12.61 -13.58 -2.31
C SER B 207 13.72 -14.13 -3.20
N LEU B 208 14.28 -13.23 -3.99
CA LEU B 208 15.05 -13.60 -5.18
C LEU B 208 15.78 -12.35 -5.62
N SER B 209 17.09 -12.45 -5.83
CA SER B 209 17.84 -11.33 -6.36
C SER B 209 18.80 -11.82 -7.43
N LEU B 210 18.72 -11.21 -8.60
CA LEU B 210 19.61 -11.53 -9.70
C LEU B 210 20.98 -10.94 -9.47
N ALA B 211 21.99 -11.58 -10.05
CA ALA B 211 23.34 -11.08 -9.98
C ALA B 211 23.50 -9.86 -10.88
N PRO B 212 24.50 -9.02 -10.63
CA PRO B 212 24.81 -7.96 -11.61
C PRO B 212 25.33 -8.50 -12.93
N ASP B 213 25.94 -9.68 -12.92
CA ASP B 213 26.40 -10.33 -14.15
C ASP B 213 25.32 -11.19 -14.79
N THR B 214 24.12 -11.25 -14.20
CA THR B 214 22.90 -11.98 -14.56
C THR B 214 23.13 -13.43 -15.02
N ARG B 215 24.19 -14.06 -14.53
CA ARG B 215 24.44 -15.46 -14.79
C ARG B 215 24.26 -16.33 -13.55
N LEU B 216 24.21 -15.72 -12.38
CA LEU B 216 23.78 -16.35 -11.15
C LEU B 216 22.57 -15.61 -10.62
N PHE B 217 21.95 -16.15 -9.58
CA PHE B 217 21.04 -15.38 -8.74
C PHE B 217 20.99 -16.05 -7.38
N VAL B 218 20.45 -15.33 -6.43
CA VAL B 218 20.31 -15.80 -5.06
C VAL B 218 18.84 -15.81 -4.72
N SER B 219 18.45 -16.65 -3.76
CA SER B 219 17.07 -16.82 -3.37
C SER B 219 17.01 -17.19 -1.90
N GLY B 220 16.43 -16.30 -1.09
CA GLY B 220 16.24 -16.58 0.32
C GLY B 220 14.87 -17.18 0.56
N ALA B 221 14.81 -18.10 1.52
CA ALA B 221 13.62 -18.93 1.69
C ALA B 221 13.13 -18.93 3.13
N CYS B 222 11.96 -19.53 3.31
CA CYS B 222 11.42 -19.77 4.63
C CYS B 222 12.07 -20.96 5.31
N ASP B 223 12.95 -21.68 4.60
CA ASP B 223 13.78 -22.70 5.21
C ASP B 223 15.03 -22.15 5.87
N ALA B 224 15.10 -20.82 6.05
CA ALA B 224 16.20 -20.06 6.64
C ALA B 224 17.50 -20.15 5.87
N SER B 225 17.46 -20.68 4.64
CA SER B 225 18.65 -20.88 3.84
C SER B 225 18.51 -20.08 2.56
N ALA B 226 19.52 -19.27 2.25
CA ALA B 226 19.60 -18.56 1.00
C ALA B 226 20.44 -19.37 0.04
N LYS B 227 19.87 -19.74 -1.10
CA LYS B 227 20.55 -20.64 -2.02
C LYS B 227 21.02 -19.88 -3.25
N LEU B 228 22.31 -19.95 -3.50
CA LEU B 228 22.90 -19.44 -4.73
C LEU B 228 22.61 -20.41 -5.87
N TRP B 229 22.20 -19.86 -7.00
CA TRP B 229 21.79 -20.66 -8.14
C TRP B 229 22.59 -20.24 -9.36
N ASP B 230 22.88 -21.21 -10.23
CA ASP B 230 23.26 -20.88 -11.59
C ASP B 230 22.00 -20.82 -12.44
N VAL B 231 21.86 -19.76 -13.24
CA VAL B 231 20.63 -19.59 -14.01
C VAL B 231 20.61 -20.57 -15.18
N ARG B 232 21.75 -20.72 -15.86
CA ARG B 232 21.80 -21.62 -17.00
C ARG B 232 21.88 -23.08 -16.57
N GLU B 233 22.78 -23.39 -15.64
CA GLU B 233 22.95 -24.76 -15.20
C GLU B 233 21.80 -25.26 -14.33
N GLY B 234 21.03 -24.35 -13.74
CA GLY B 234 19.90 -24.74 -12.93
C GLY B 234 20.24 -25.32 -11.59
N MET B 235 21.50 -25.22 -11.16
CA MET B 235 22.01 -25.97 -10.03
C MET B 235 22.21 -25.06 -8.83
N CYS B 236 22.00 -25.62 -7.65
CA CYS B 236 22.28 -24.94 -6.39
C CYS B 236 23.80 -24.90 -6.22
N ARG B 237 24.38 -23.75 -6.51
CA ARG B 237 25.83 -23.62 -6.39
C ARG B 237 26.26 -23.62 -4.93
N GLN B 238 25.67 -22.74 -4.12
CA GLN B 238 25.90 -22.75 -2.69
C GLN B 238 24.57 -22.52 -1.98
N THR B 239 24.43 -23.14 -0.81
CA THR B 239 23.30 -22.90 0.08
C THR B 239 23.82 -22.22 1.33
N PHE B 240 23.41 -20.98 1.53
CA PHE B 240 23.89 -20.16 2.62
C PHE B 240 22.90 -20.22 3.77
N THR B 241 23.30 -20.85 4.85
CA THR B 241 22.51 -20.90 6.07
C THR B 241 23.18 -20.05 7.13
N GLY B 242 22.45 -19.81 8.22
CA GLY B 242 22.96 -18.97 9.27
C GLY B 242 21.86 -18.09 9.83
N HIS B 243 20.86 -17.81 9.01
CA HIS B 243 19.68 -17.11 9.50
C HIS B 243 18.87 -17.99 10.43
N GLU B 244 18.33 -17.36 11.47
CA GLU B 244 17.53 -18.05 12.47
C GLU B 244 16.07 -18.15 12.09
N SER B 245 15.61 -17.40 11.09
CA SER B 245 14.20 -17.39 10.74
C SER B 245 14.06 -17.33 9.23
N ASP B 246 12.81 -17.18 8.80
CA ASP B 246 12.47 -17.17 7.39
C ASP B 246 13.05 -15.95 6.70
N ILE B 247 13.88 -16.19 5.68
CA ILE B 247 14.56 -15.11 4.96
C ILE B 247 13.54 -14.34 4.15
N ASN B 248 13.20 -13.14 4.61
CA ASN B 248 12.08 -12.38 4.06
C ASN B 248 12.44 -11.72 2.73
N ALA B 249 13.57 -11.03 2.64
CA ALA B 249 13.98 -10.43 1.39
C ALA B 249 15.50 -10.38 1.30
N ILE B 250 15.98 -10.37 0.05
CA ILE B 250 17.38 -10.60 -0.26
C ILE B 250 17.79 -9.61 -1.34
N CYS B 251 19.08 -9.30 -1.38
CA CYS B 251 19.69 -8.54 -2.46
C CYS B 251 21.17 -8.84 -2.57
N PHE B 252 21.65 -8.83 -3.81
CA PHE B 252 23.07 -9.00 -4.10
C PHE B 252 23.87 -7.76 -3.74
N PHE B 253 25.03 -7.98 -3.13
CA PHE B 253 26.04 -6.93 -3.04
C PHE B 253 26.56 -6.66 -4.45
N PRO B 254 26.68 -5.39 -4.86
CA PRO B 254 26.68 -5.08 -6.30
C PRO B 254 27.94 -5.46 -7.05
N ASN B 255 28.96 -5.97 -6.37
CA ASN B 255 30.08 -6.58 -7.10
C ASN B 255 29.79 -8.02 -7.50
N GLY B 256 28.64 -8.57 -7.10
CA GLY B 256 28.24 -9.89 -7.48
C GLY B 256 28.95 -11.02 -6.77
N ASN B 257 29.79 -10.71 -5.79
CA ASN B 257 30.55 -11.72 -5.06
C ASN B 257 30.06 -11.86 -3.62
N ALA B 258 28.92 -11.26 -3.30
CA ALA B 258 28.35 -11.27 -1.96
C ALA B 258 26.88 -10.88 -2.07
N PHE B 259 26.15 -11.10 -0.99
CA PHE B 259 24.76 -10.68 -0.88
C PHE B 259 24.39 -10.60 0.59
N ALA B 260 23.48 -9.69 0.92
CA ALA B 260 22.90 -9.62 2.25
C ALA B 260 21.48 -10.10 2.20
N THR B 261 21.12 -11.01 3.10
CA THR B 261 19.79 -11.54 3.22
C THR B 261 19.14 -10.95 4.46
N GLY B 262 17.83 -10.73 4.41
CA GLY B 262 17.13 -10.22 5.57
C GLY B 262 16.02 -11.12 6.03
N SER B 263 16.16 -11.71 7.20
CA SER B 263 15.22 -12.69 7.70
C SER B 263 14.17 -12.05 8.60
N ASP B 264 13.26 -12.88 9.11
CA ASP B 264 12.37 -12.42 10.16
C ASP B 264 13.06 -12.39 11.52
N ASP B 265 14.27 -12.94 11.64
CA ASP B 265 15.02 -12.98 12.88
C ASP B 265 15.68 -11.66 13.24
N ALA B 266 15.37 -10.57 12.51
CA ALA B 266 15.83 -9.20 12.76
C ALA B 266 17.33 -9.02 12.59
N THR B 267 18.04 -10.01 12.05
CA THR B 267 19.48 -9.94 11.88
C THR B 267 19.80 -10.16 10.41
N CYS B 268 20.15 -9.09 9.70
CA CYS B 268 20.63 -9.20 8.34
C CYS B 268 21.98 -9.87 8.32
N ARG B 269 22.23 -10.65 7.28
CA ARG B 269 23.45 -11.43 7.19
C ARG B 269 24.05 -11.24 5.80
N LEU B 270 25.22 -10.63 5.75
CA LEU B 270 25.96 -10.49 4.51
C LEU B 270 26.72 -11.79 4.26
N PHE B 271 26.26 -12.57 3.31
CA PHE B 271 26.97 -13.77 2.91
C PHE B 271 27.88 -13.43 1.73
N ASP B 272 28.91 -14.26 1.53
CA ASP B 272 29.89 -14.04 0.48
C ASP B 272 29.82 -15.19 -0.50
N LEU B 273 29.60 -14.88 -1.78
CA LEU B 273 29.66 -15.87 -2.83
C LEU B 273 31.08 -16.42 -2.95
N ARG B 274 31.17 -17.70 -3.30
CA ARG B 274 32.39 -18.51 -3.34
C ARG B 274 33.12 -18.54 -2.01
N ALA B 275 32.41 -18.34 -0.90
CA ALA B 275 32.99 -18.47 0.44
C ALA B 275 32.10 -19.24 1.41
N ASP B 276 30.78 -19.30 1.19
CA ASP B 276 29.82 -20.13 1.93
C ASP B 276 29.79 -19.81 3.42
N GLN B 277 29.97 -18.53 3.75
CA GLN B 277 29.87 -18.08 5.13
C GLN B 277 29.05 -16.81 5.17
N GLU B 278 28.65 -16.43 6.38
CA GLU B 278 28.10 -15.11 6.63
C GLU B 278 29.21 -14.19 7.12
N LEU B 279 29.33 -13.03 6.51
CA LEU B 279 30.41 -12.11 6.89
C LEU B 279 29.99 -11.21 8.04
N MET B 280 28.96 -10.41 7.85
CA MET B 280 28.48 -9.48 8.87
C MET B 280 27.07 -9.85 9.28
N THR B 281 26.84 -9.84 10.58
CA THR B 281 25.52 -10.11 11.17
C THR B 281 24.99 -8.77 11.67
N TYR B 282 24.11 -8.15 10.90
CA TYR B 282 23.64 -6.79 11.15
C TYR B 282 22.57 -6.85 12.24
N SER B 283 23.00 -7.11 13.46
CA SER B 283 22.10 -7.35 14.58
C SER B 283 22.19 -6.19 15.55
N HIS B 284 21.08 -5.48 15.72
CA HIS B 284 20.93 -4.54 16.82
C HIS B 284 19.91 -5.12 17.79
N ASP B 285 20.24 -5.09 19.07
CA ASP B 285 19.46 -5.82 20.07
C ASP B 285 18.10 -5.17 20.30
N ASN B 286 17.99 -3.86 20.03
CA ASN B 286 16.72 -3.17 20.18
C ASN B 286 15.82 -3.31 18.96
N ILE B 287 16.17 -4.17 18.01
CA ILE B 287 15.35 -4.46 16.85
C ILE B 287 14.95 -5.93 16.90
N ILE B 288 13.65 -6.18 16.97
CA ILE B 288 13.13 -7.54 16.98
C ILE B 288 12.20 -7.81 15.80
N CYS B 289 11.79 -6.79 15.07
CA CYS B 289 10.86 -6.98 13.96
C CYS B 289 11.59 -7.57 12.76
N GLY B 290 10.82 -8.20 11.88
CA GLY B 290 11.41 -8.87 10.74
C GLY B 290 11.94 -7.90 9.71
N ILE B 291 12.98 -8.34 8.99
CA ILE B 291 13.61 -7.53 7.96
C ILE B 291 12.87 -7.80 6.66
N THR B 292 11.82 -7.06 6.40
CA THR B 292 10.96 -7.46 5.30
C THR B 292 11.43 -6.90 3.97
N SER B 293 12.57 -6.22 3.96
CA SER B 293 13.19 -5.79 2.72
C SER B 293 14.68 -5.60 2.93
N VAL B 294 15.42 -5.68 1.83
CA VAL B 294 16.88 -5.51 1.79
C VAL B 294 17.21 -4.86 0.46
N SER B 295 18.08 -3.84 0.49
CA SER B 295 18.66 -3.32 -0.74
C SER B 295 20.09 -2.89 -0.46
N PHE B 296 20.89 -2.88 -1.52
CA PHE B 296 22.28 -2.45 -1.44
C PHE B 296 22.49 -1.17 -2.23
N SER B 297 23.21 -0.22 -1.63
CA SER B 297 23.64 0.97 -2.34
C SER B 297 24.69 0.61 -3.38
N LYS B 298 24.97 1.57 -4.27
CA LYS B 298 25.81 1.30 -5.44
C LYS B 298 27.24 0.96 -5.06
N SER B 299 27.74 1.53 -3.97
CA SER B 299 29.01 1.08 -3.42
C SER B 299 28.90 -0.28 -2.79
N GLY B 300 27.72 -0.64 -2.30
CA GLY B 300 27.62 -1.78 -1.42
C GLY B 300 28.19 -1.55 -0.04
N ARG B 301 28.48 -0.31 0.31
CA ARG B 301 28.90 0.04 1.67
C ARG B 301 27.71 0.36 2.55
N LEU B 302 26.68 0.90 1.92
CA LEU B 302 25.46 1.28 2.60
C LEU B 302 24.33 0.33 2.28
N LEU B 303 24.16 -0.68 3.13
CA LEU B 303 23.10 -1.66 2.96
C LEU B 303 21.86 -1.15 3.68
N LEU B 304 20.80 -0.85 2.94
CA LEU B 304 19.61 -0.31 3.58
C LEU B 304 18.42 -1.25 3.60
N ALA B 305 18.23 -1.93 4.73
CA ALA B 305 17.13 -2.88 4.92
C ALA B 305 15.80 -2.18 5.12
N GLY B 306 14.73 -2.96 5.03
CA GLY B 306 13.38 -2.45 5.22
C GLY B 306 12.77 -3.32 6.29
N TYR B 307 12.82 -2.87 7.53
CA TYR B 307 12.38 -3.64 8.67
C TYR B 307 10.86 -3.53 8.83
N ASP B 308 10.32 -4.28 9.79
CA ASP B 308 8.88 -4.32 10.03
C ASP B 308 8.43 -3.36 11.12
N ASP B 309 9.33 -2.54 11.67
CA ASP B 309 8.98 -1.51 12.64
C ASP B 309 8.65 -0.19 11.98
N PHE B 310 8.14 -0.24 10.75
CA PHE B 310 7.78 0.89 9.90
C PHE B 310 8.95 1.80 9.56
N ASN B 311 10.18 1.33 9.74
CA ASN B 311 11.37 2.11 9.43
C ASN B 311 12.36 1.23 8.71
N CYS B 312 13.29 1.86 8.01
CA CYS B 312 14.41 1.12 7.45
C CYS B 312 15.59 1.24 8.39
N ASN B 313 16.75 0.78 7.93
CA ASN B 313 18.00 0.92 8.69
C ASN B 313 19.12 0.87 7.67
N VAL B 314 19.77 2.01 7.44
CA VAL B 314 20.82 2.06 6.43
C VAL B 314 22.13 1.62 7.07
N TRP B 315 22.33 0.31 7.17
CA TRP B 315 23.49 -0.24 7.83
C TRP B 315 24.76 0.07 7.04
N ASP B 316 25.83 0.38 7.76
CA ASP B 316 27.15 0.35 7.14
C ASP B 316 27.47 -1.12 6.87
N ALA B 317 27.50 -1.51 5.60
CA ALA B 317 27.63 -2.92 5.23
C ALA B 317 29.02 -3.47 5.48
N LEU B 318 29.95 -2.61 5.89
CA LEU B 318 31.28 -3.02 6.30
C LEU B 318 31.51 -2.82 7.78
N LYS B 319 31.02 -1.73 8.37
CA LYS B 319 31.23 -1.50 9.78
C LYS B 319 30.19 -2.19 10.66
N ALA B 320 29.09 -2.67 10.07
CA ALA B 320 27.97 -3.33 10.77
C ALA B 320 27.36 -2.45 11.85
N ASP B 321 27.38 -1.13 11.63
CA ASP B 321 26.74 -0.16 12.49
C ASP B 321 25.38 0.19 11.92
N ARG B 322 24.53 0.79 12.75
CA ARG B 322 23.16 1.09 12.34
C ARG B 322 23.14 2.16 11.26
N ALA B 323 23.84 3.28 11.49
CA ALA B 323 24.31 4.20 10.46
C ALA B 323 23.19 4.84 9.65
N GLY B 324 22.01 4.99 10.25
CA GLY B 324 20.98 5.71 9.50
C GLY B 324 19.65 4.99 9.48
N VAL B 325 18.61 5.71 9.90
CA VAL B 325 17.25 5.20 9.99
C VAL B 325 16.39 5.98 9.02
N LEU B 326 15.51 5.28 8.30
CA LEU B 326 14.59 5.91 7.37
C LEU B 326 13.19 5.67 7.93
N ALA B 327 12.70 6.58 8.74
CA ALA B 327 11.49 6.36 9.52
C ALA B 327 10.25 6.96 8.86
N GLY B 328 10.12 6.88 7.55
CA GLY B 328 9.12 7.68 6.86
C GLY B 328 7.71 7.10 6.88
N HIS B 329 7.51 5.90 7.41
CA HIS B 329 6.24 5.23 7.24
C HIS B 329 5.54 4.89 8.55
N ASP B 330 4.25 4.57 8.42
CA ASP B 330 3.42 4.11 9.50
C ASP B 330 3.38 2.60 9.66
N ASN B 331 3.43 1.85 8.57
CA ASN B 331 3.36 0.39 8.60
C ASN B 331 4.64 -0.20 8.03
N ARG B 332 4.72 -1.54 8.01
CA ARG B 332 6.00 -2.26 7.88
C ARG B 332 6.62 -2.01 6.51
N VAL B 333 7.94 -1.88 6.48
CA VAL B 333 8.61 -1.49 5.24
C VAL B 333 8.86 -2.69 4.35
N SER B 334 8.04 -2.85 3.32
CA SER B 334 8.02 -4.11 2.60
C SER B 334 9.07 -4.19 1.49
N CYS B 335 9.57 -3.05 1.02
CA CYS B 335 10.36 -3.04 -0.20
C CYS B 335 11.29 -1.85 -0.29
N LEU B 336 12.59 -2.15 -0.34
CA LEU B 336 13.62 -1.17 -0.63
C LEU B 336 14.27 -1.51 -1.97
N GLY B 337 14.68 -0.47 -2.66
CA GLY B 337 15.52 -0.64 -3.82
C GLY B 337 16.37 0.59 -4.00
N VAL B 338 17.67 0.42 -4.14
CA VAL B 338 18.53 1.50 -4.59
C VAL B 338 18.61 1.40 -6.10
N THR B 339 18.64 2.55 -6.78
CA THR B 339 18.67 2.57 -8.22
C THR B 339 19.99 2.03 -8.75
N ASP B 340 20.01 1.76 -10.07
CA ASP B 340 21.24 1.31 -10.71
C ASP B 340 22.30 2.41 -10.72
N ASP B 341 21.86 3.67 -10.77
CA ASP B 341 22.78 4.78 -10.54
C ASP B 341 23.02 5.06 -9.07
N GLY B 342 22.37 4.31 -8.17
CA GLY B 342 22.63 4.44 -6.76
C GLY B 342 22.09 5.67 -6.10
N MET B 343 21.32 6.49 -6.81
CA MET B 343 21.03 7.84 -6.35
C MET B 343 19.84 7.91 -5.41
N ALA B 344 18.76 7.21 -5.72
CA ALA B 344 17.57 7.19 -4.89
C ALA B 344 17.45 5.87 -4.16
N VAL B 345 16.60 5.86 -3.16
CA VAL B 345 16.06 4.64 -2.56
C VAL B 345 14.57 4.84 -2.42
N ALA B 346 13.79 4.17 -3.25
CA ALA B 346 12.38 4.14 -2.98
C ALA B 346 12.11 3.15 -1.85
N THR B 347 11.01 3.38 -1.16
CA THR B 347 10.66 2.64 0.03
C THR B 347 9.16 2.53 0.08
N GLY B 348 8.64 1.35 -0.15
CA GLY B 348 7.21 1.20 -0.03
C GLY B 348 6.89 0.48 1.25
N SER B 349 5.76 0.78 1.83
CA SER B 349 5.38 0.12 3.05
C SER B 349 3.95 -0.35 2.95
N TRP B 350 3.41 -0.80 4.08
CA TRP B 350 2.02 -1.22 4.06
C TRP B 350 1.09 -0.05 4.34
N ASP B 351 1.33 1.05 3.63
CA ASP B 351 0.39 2.12 3.41
C ASP B 351 0.42 2.43 1.93
N SER B 352 -0.26 3.46 1.53
CA SER B 352 -0.29 3.71 0.11
C SER B 352 0.93 4.48 -0.41
N PHE B 353 2.03 4.63 0.34
CA PHE B 353 3.00 5.68 0.09
C PHE B 353 4.38 5.10 -0.11
N LEU B 354 5.10 5.64 -1.10
CA LEU B 354 6.48 5.29 -1.37
C LEU B 354 7.35 6.51 -1.08
N LYS B 355 8.22 6.39 -0.09
CA LYS B 355 9.17 7.44 0.23
C LYS B 355 10.43 7.22 -0.59
N ILE B 356 10.92 8.28 -1.21
CA ILE B 356 12.15 8.19 -1.99
C ILE B 356 13.26 8.90 -1.26
N TRP B 357 14.27 8.16 -0.83
CA TRP B 357 15.31 8.73 -0.01
C TRP B 357 16.57 8.97 -0.84
N ASN B 358 17.55 9.59 -0.22
CA ASN B 358 18.80 9.91 -0.92
C ASN B 358 20.03 9.59 -0.09
N THR C 19 -18.62 38.34 29.66
CA THR C 19 -19.90 37.81 30.07
C THR C 19 -19.88 36.28 30.09
N HIS C 20 -21.05 35.69 30.26
CA HIS C 20 -21.19 34.24 30.33
C HIS C 20 -21.00 33.63 28.94
N PHE C 21 -20.67 32.34 28.93
CA PHE C 21 -20.52 31.64 27.66
C PHE C 21 -21.87 31.45 26.96
N GLY C 22 -22.96 31.47 27.72
CA GLY C 22 -24.28 31.21 27.16
C GLY C 22 -24.85 32.33 26.33
N VAL C 23 -24.10 33.43 26.10
CA VAL C 23 -24.59 34.51 25.26
C VAL C 23 -24.62 34.07 23.80
N LEU C 24 -23.79 33.09 23.45
CA LEU C 24 -23.80 32.52 22.10
C LEU C 24 -25.08 31.75 21.84
N MET C 25 -25.64 31.14 22.88
CA MET C 25 -26.77 30.22 22.78
C MET C 25 -27.78 30.52 23.88
N ASP C 26 -28.24 31.77 23.93
CA ASP C 26 -29.15 32.18 25.00
C ASP C 26 -30.53 31.55 24.86
N LEU C 27 -31.15 31.68 23.68
CA LEU C 27 -32.56 31.45 23.36
C LEU C 27 -33.51 32.36 24.13
N SER C 28 -33.01 33.36 24.84
CA SER C 28 -33.82 34.33 25.56
C SER C 28 -32.94 35.55 25.77
N ARG C 29 -33.28 36.66 25.11
CA ARG C 29 -32.43 37.85 25.11
C ARG C 29 -32.79 38.73 26.31
N SER C 30 -32.50 38.20 27.50
CA SER C 30 -32.81 38.87 28.75
C SER C 30 -31.62 38.76 29.68
N THR C 31 -31.61 39.61 30.70
CA THR C 31 -30.51 39.63 31.65
C THR C 31 -30.56 38.42 32.57
N VAL C 32 -29.40 38.05 33.08
CA VAL C 32 -29.29 36.89 33.94
C VAL C 32 -28.91 37.33 35.36
N SER C 34 -27.89 40.31 36.12
CA SER C 34 -26.47 39.96 35.98
C SER C 34 -25.83 39.80 37.35
N VAL C 35 -26.63 39.33 38.32
CA VAL C 35 -26.10 39.09 39.66
C VAL C 35 -25.20 37.87 39.68
N ASN C 36 -25.60 36.83 38.93
CA ASN C 36 -24.80 35.62 38.81
C ASN C 36 -23.93 35.62 37.57
N GLU C 37 -24.04 36.64 36.71
CA GLU C 37 -23.22 36.71 35.51
C GLU C 37 -21.76 37.01 35.81
N GLN C 38 -21.46 37.52 37.01
CA GLN C 38 -20.06 37.64 37.42
C GLN C 38 -19.49 36.28 37.78
N ILE C 39 -20.33 35.38 38.30
CA ILE C 39 -19.89 34.03 38.61
C ILE C 39 -19.95 33.16 37.36
N LEU C 40 -20.80 33.52 36.40
CA LEU C 40 -20.85 32.79 35.14
C LEU C 40 -19.66 33.14 34.25
N ALA C 41 -19.30 34.42 34.18
CA ALA C 41 -18.12 34.81 33.41
C ALA C 41 -16.84 34.39 34.11
N LEU C 42 -16.91 34.13 35.41
CA LEU C 42 -15.74 33.62 36.12
C LEU C 42 -15.41 32.20 35.68
N ILE C 43 -16.44 31.36 35.50
CA ILE C 43 -16.18 29.97 35.11
C ILE C 43 -16.11 29.86 33.58
N THR C 44 -16.59 30.87 32.86
CA THR C 44 -16.41 30.90 31.42
C THR C 44 -14.95 31.22 31.07
N TYR C 45 -14.42 32.30 31.65
CA TYR C 45 -13.09 32.76 31.26
C TYR C 45 -12.00 31.85 31.82
N THR C 46 -12.28 31.14 32.93
CA THR C 46 -11.31 30.15 33.38
C THR C 46 -11.54 28.83 32.67
N GLY C 47 -12.69 28.68 32.01
CA GLY C 47 -12.93 27.47 31.24
C GLY C 47 -12.18 27.46 29.92
N CYS C 48 -12.33 28.54 29.14
CA CYS C 48 -11.58 28.69 27.90
C CYS C 48 -10.09 28.83 28.15
N GLY C 49 -9.71 29.29 29.35
CA GLY C 49 -8.30 29.40 29.67
C GLY C 49 -7.63 28.05 29.83
N ILE C 50 -8.38 27.06 30.29
CA ILE C 50 -7.80 25.73 30.45
C ILE C 50 -8.17 24.84 29.27
N SER C 51 -9.29 25.13 28.61
CA SER C 51 -9.68 24.32 27.46
C SER C 51 -8.80 24.62 26.25
N SER C 52 -8.56 25.89 25.95
CA SER C 52 -7.68 26.23 24.83
C SER C 52 -6.22 25.98 25.18
N ILE C 53 -5.91 25.83 26.47
CA ILE C 53 -4.57 25.37 26.84
C ILE C 53 -4.47 23.86 26.69
N PHE C 54 -5.62 23.18 26.62
CA PHE C 54 -5.60 21.71 26.52
C PHE C 54 -6.07 21.24 25.16
N LEU C 55 -7.20 21.76 24.66
CA LEU C 55 -7.59 21.42 23.30
C LEU C 55 -6.70 22.15 22.28
N GLY C 56 -6.06 23.24 22.70
CA GLY C 56 -4.99 23.79 21.90
C GLY C 56 -3.79 22.86 21.78
N VAL C 57 -3.45 22.17 22.87
CA VAL C 57 -2.39 21.18 22.76
C VAL C 57 -2.95 19.81 22.40
N ALA C 58 -4.24 19.74 22.07
CA ALA C 58 -4.75 18.58 21.34
C ALA C 58 -4.49 18.74 19.84
N VAL C 59 -4.60 19.97 19.34
CA VAL C 59 -4.23 20.25 17.95
C VAL C 59 -2.72 20.15 17.78
N VAL C 60 -1.98 20.51 18.83
CA VAL C 60 -0.52 20.50 18.77
C VAL C 60 0.02 19.07 18.79
N THR C 61 -0.82 18.11 19.19
CA THR C 61 -0.44 16.70 19.02
C THR C 61 -1.25 16.01 17.94
N TYR C 62 -2.13 16.71 17.24
CA TYR C 62 -2.83 16.11 16.11
C TYR C 62 -2.24 16.50 14.77
N ILE C 63 -1.96 17.79 14.59
CA ILE C 63 -1.33 18.24 13.35
C ILE C 63 0.11 17.73 13.28
N ALA C 64 0.77 17.67 14.44
CA ALA C 64 2.19 17.32 14.47
C ALA C 64 2.43 15.83 14.27
N PHE C 65 1.40 15.00 14.30
CA PHE C 65 1.56 13.56 14.17
C PHE C 65 0.62 13.04 13.08
N HIS C 66 1.20 12.46 12.03
CA HIS C 66 0.40 12.01 10.91
C HIS C 66 -0.31 10.69 11.20
N LYS C 67 0.19 9.94 12.19
CA LYS C 67 -0.46 8.69 12.56
C LYS C 67 -1.80 8.94 13.25
N LEU C 68 -1.89 10.00 14.04
CA LEU C 68 -3.08 10.28 14.82
C LEU C 68 -4.17 10.95 14.00
N ARG C 69 -3.91 11.31 12.74
CA ARG C 69 -4.92 11.93 11.90
C ARG C 69 -5.23 11.08 10.66
N LYS C 70 -4.81 9.81 10.65
CA LYS C 70 -5.17 8.91 9.57
C LYS C 70 -6.60 8.44 9.69
N ASP C 71 -7.14 8.43 10.90
CA ASP C 71 -8.52 8.02 11.12
C ASP C 71 -9.47 9.13 10.70
N TYR C 72 -10.46 8.79 9.88
CA TYR C 72 -11.50 9.76 9.54
C TYR C 72 -12.29 10.31 10.72
N PRO C 73 -12.50 9.59 11.85
CA PRO C 73 -12.95 10.31 13.06
C PRO C 73 -11.96 11.33 13.57
N ALA C 74 -10.66 11.00 13.59
CA ALA C 74 -9.69 11.87 14.23
C ALA C 74 -9.18 12.97 13.30
N LYS C 75 -9.72 13.05 12.08
CA LYS C 75 -9.44 14.19 11.23
C LYS C 75 -10.62 15.15 11.21
N ILE C 76 -11.81 14.64 11.50
CA ILE C 76 -12.96 15.50 11.79
C ILE C 76 -12.79 16.11 13.17
N LEU C 77 -12.11 15.39 14.06
CA LEU C 77 -11.83 15.88 15.40
C LEU C 77 -10.82 17.03 15.39
N ILE C 78 -9.82 16.96 14.52
CA ILE C 78 -8.94 18.11 14.27
C ILE C 78 -9.77 19.31 13.83
N ASN C 79 -10.68 19.07 12.91
CA ASN C 79 -11.54 20.11 12.37
C ASN C 79 -12.54 20.60 13.41
N LEU C 80 -12.81 19.78 14.44
CA LEU C 80 -13.67 20.22 15.53
C LEU C 80 -12.85 20.87 16.64
N CYS C 81 -11.61 20.39 16.85
CA CYS C 81 -10.77 20.97 17.89
C CYS C 81 -10.37 22.40 17.55
N THR C 82 -9.94 22.65 16.31
CA THR C 82 -9.61 24.02 15.91
C THR C 82 -10.88 24.87 15.80
N ALA C 83 -12.01 24.24 15.49
CA ALA C 83 -13.28 24.95 15.56
C ALA C 83 -13.59 25.38 16.99
N LEU C 84 -13.24 24.54 17.96
CA LEU C 84 -13.38 24.93 19.35
C LEU C 84 -12.24 25.81 19.80
N LEU C 85 -11.03 25.59 19.27
CA LEU C 85 -9.88 26.40 19.66
C LEU C 85 -10.05 27.84 19.23
N MET C 86 -10.62 28.04 18.04
CA MET C 86 -10.88 29.41 17.61
C MET C 86 -12.07 30.01 18.35
N LEU C 87 -13.15 29.24 18.51
CA LEU C 87 -14.36 29.77 19.15
C LEU C 87 -14.12 30.08 20.61
N ASN C 88 -13.28 29.31 21.28
CA ASN C 88 -12.94 29.64 22.66
C ASN C 88 -11.98 30.83 22.73
N LEU C 89 -11.10 30.97 21.74
CA LEU C 89 -10.14 32.07 21.77
C LEU C 89 -10.75 33.36 21.25
N VAL C 90 -11.64 33.27 20.26
CA VAL C 90 -12.31 34.48 19.78
C VAL C 90 -13.26 35.01 20.86
N PHE C 91 -13.86 34.10 21.63
CA PHE C 91 -14.63 34.51 22.81
C PHE C 91 -13.74 35.15 23.86
N LEU C 92 -12.51 34.65 24.01
CA LEU C 92 -11.60 35.20 25.00
C LEU C 92 -11.11 36.59 24.58
N ILE C 93 -10.79 36.76 23.31
CA ILE C 93 -10.39 38.08 22.82
C ILE C 93 -11.57 38.98 22.53
N ASN C 94 -12.81 38.49 22.65
CA ASN C 94 -13.97 39.36 22.50
C ASN C 94 -14.09 40.34 23.65
N SER C 95 -13.47 40.05 24.80
CA SER C 95 -13.28 41.06 25.83
C SER C 95 -12.25 42.09 25.37
N TRP C 96 -11.13 41.62 24.81
CA TRP C 96 -10.11 42.54 24.30
C TRP C 96 -10.59 43.28 23.07
N LEU C 97 -11.43 42.63 22.25
CA LEU C 97 -12.00 43.33 21.11
C LEU C 97 -13.26 44.10 21.48
N SER C 98 -13.58 44.20 22.77
CA SER C 98 -14.52 45.21 23.24
C SER C 98 -13.79 46.40 23.83
N SER C 99 -12.56 46.18 24.35
CA SER C 99 -11.77 47.29 24.87
C SER C 99 -11.27 48.19 23.75
N PHE C 100 -10.91 47.59 22.62
CA PHE C 100 -10.68 48.35 21.39
C PHE C 100 -12.05 48.75 20.87
N GLN C 101 -12.52 49.92 21.33
CA GLN C 101 -13.92 50.32 21.20
C GLN C 101 -14.29 50.81 19.80
N LYS C 102 -13.46 50.58 18.78
CA LYS C 102 -13.84 50.91 17.42
C LYS C 102 -14.98 50.02 16.96
N VAL C 103 -15.82 50.57 16.09
CA VAL C 103 -16.96 49.83 15.56
C VAL C 103 -16.44 48.64 14.78
N GLY C 104 -15.35 48.85 14.06
CA GLY C 104 -14.75 47.79 13.27
C GLY C 104 -14.26 46.67 14.16
N VAL C 105 -13.68 47.03 15.30
CA VAL C 105 -13.15 46.04 16.22
C VAL C 105 -14.23 45.12 16.76
N CYS C 106 -15.41 45.64 17.12
CA CYS C 106 -16.43 44.70 17.57
C CYS C 106 -16.89 43.82 16.42
N ILE C 107 -17.12 44.41 15.26
CA ILE C 107 -17.61 43.61 14.15
C ILE C 107 -16.60 42.54 13.75
N THR C 108 -15.32 42.83 13.97
CA THR C 108 -14.30 41.85 13.64
C THR C 108 -14.56 40.58 14.46
N ALA C 109 -14.97 40.75 15.73
CA ALA C 109 -15.30 39.64 16.59
C ALA C 109 -16.77 39.25 16.46
N ALA C 110 -17.63 40.09 15.87
CA ALA C 110 -19.01 39.63 15.78
C ALA C 110 -19.23 38.78 14.53
N VAL C 111 -18.26 38.80 13.61
CA VAL C 111 -18.24 37.81 12.54
C VAL C 111 -17.50 36.57 12.99
N ALA C 112 -16.33 36.74 13.61
CA ALA C 112 -15.46 35.61 13.94
C ALA C 112 -16.06 34.73 15.01
N LEU C 113 -16.68 35.32 16.03
CA LEU C 113 -17.36 34.51 17.03
C LEU C 113 -18.61 33.87 16.46
N HIS C 114 -19.23 34.51 15.49
CA HIS C 114 -20.41 33.91 14.86
C HIS C 114 -20.01 32.90 13.80
N TYR C 115 -18.86 33.11 13.16
CA TYR C 115 -18.36 32.09 12.24
C TYR C 115 -17.89 30.87 13.00
N PHE C 116 -17.03 31.06 14.00
CA PHE C 116 -16.48 29.93 14.73
C PHE C 116 -17.50 29.29 15.68
N LEU C 117 -18.68 29.90 15.86
CA LEU C 117 -19.78 29.18 16.49
C LEU C 117 -20.42 28.22 15.50
N LEU C 118 -20.87 28.74 14.35
CA LEU C 118 -21.50 27.90 13.35
C LEU C 118 -20.52 26.92 12.73
N VAL C 119 -19.22 27.23 12.75
CA VAL C 119 -18.24 26.23 12.35
C VAL C 119 -18.19 25.13 13.38
N SER C 120 -18.08 25.50 14.65
CA SER C 120 -18.07 24.50 15.71
C SER C 120 -19.37 23.74 15.70
N PHE C 121 -20.51 24.41 15.57
CA PHE C 121 -21.77 23.71 15.54
C PHE C 121 -21.82 22.76 14.36
N THR C 122 -21.36 23.22 13.19
CA THR C 122 -21.29 22.35 12.04
C THR C 122 -20.27 21.24 12.27
N TRP C 123 -19.18 21.54 12.94
CA TRP C 123 -18.22 20.50 13.29
C TRP C 123 -18.85 19.49 14.24
N MET C 124 -19.68 19.95 15.18
CA MET C 124 -20.38 19.01 16.04
C MET C 124 -21.30 18.19 15.14
N GLY C 125 -22.01 18.88 14.26
CA GLY C 125 -22.94 18.27 13.34
C GLY C 125 -22.28 17.32 12.39
N LEU C 126 -21.08 17.66 11.94
CA LEU C 126 -20.34 16.80 11.02
C LEU C 126 -19.95 15.56 11.78
N GLU C 127 -19.47 15.72 13.01
CA GLU C 127 -19.23 14.53 13.83
C GLU C 127 -20.49 13.70 13.94
N ALA C 128 -21.65 14.31 13.71
CA ALA C 128 -22.90 13.57 13.73
C ALA C 128 -23.07 12.78 12.45
N VAL C 129 -22.88 13.44 11.30
CA VAL C 129 -23.13 12.75 10.05
C VAL C 129 -21.94 11.86 9.69
N HIS C 130 -20.89 11.95 10.49
CA HIS C 130 -19.77 11.05 10.31
C HIS C 130 -20.17 9.75 10.99
N MET C 131 -20.73 9.85 12.17
CA MET C 131 -21.17 8.69 12.90
C MET C 131 -22.26 7.98 12.12
N TYR C 132 -23.16 8.73 11.48
CA TYR C 132 -24.18 8.07 10.69
C TYR C 132 -23.54 7.23 9.59
N LEU C 133 -22.44 7.71 9.03
CA LEU C 133 -21.70 6.90 8.08
C LEU C 133 -20.83 5.88 8.79
N ALA C 134 -19.94 6.34 9.68
CA ALA C 134 -18.96 5.43 10.25
C ALA C 134 -19.53 4.45 11.26
N LEU C 135 -20.74 4.67 11.79
CA LEU C 135 -21.25 3.80 12.84
C LEU C 135 -22.69 3.35 12.64
N VAL C 136 -23.43 3.91 11.68
CA VAL C 136 -24.82 3.54 11.46
C VAL C 136 -24.98 2.95 10.06
N LYS C 137 -24.65 3.75 9.04
CA LYS C 137 -24.56 3.25 7.67
C LYS C 137 -23.13 2.78 7.41
N VAL C 138 -22.77 1.72 8.13
CA VAL C 138 -21.39 1.34 8.39
C VAL C 138 -20.64 0.93 7.13
N PHE C 139 -21.37 0.62 6.06
CA PHE C 139 -20.78 0.24 4.80
C PHE C 139 -21.10 1.28 3.73
N ASN C 140 -20.29 1.28 2.67
CA ASN C 140 -20.28 2.30 1.61
C ASN C 140 -20.10 3.70 2.17
N ILE C 141 -19.25 3.84 3.20
CA ILE C 141 -18.99 5.14 3.79
C ILE C 141 -18.00 5.94 2.98
N TYR C 142 -17.32 5.33 2.00
CA TYR C 142 -16.28 6.04 1.29
C TYR C 142 -16.91 7.03 0.32
N ILE C 143 -16.91 8.29 0.71
CA ILE C 143 -17.03 9.41 -0.20
C ILE C 143 -15.61 9.86 -0.50
N PRO C 144 -15.28 10.10 -1.79
CA PRO C 144 -13.94 10.53 -2.17
C PRO C 144 -13.73 11.95 -1.69
N ASN C 145 -12.47 12.30 -1.35
CA ASN C 145 -12.11 13.61 -0.81
C ASN C 145 -13.04 13.82 0.36
N TYR C 146 -12.99 12.92 1.32
CA TYR C 146 -13.88 12.99 2.45
C TYR C 146 -13.58 14.14 3.38
N ILE C 147 -12.39 14.12 3.97
CA ILE C 147 -12.07 15.14 4.96
C ILE C 147 -12.10 16.52 4.33
N LEU C 148 -11.74 16.62 3.05
CA LEU C 148 -11.83 17.89 2.36
C LEU C 148 -13.28 18.27 2.07
N LYS C 149 -14.13 17.28 1.83
CA LYS C 149 -15.54 17.59 1.55
C LYS C 149 -16.28 17.97 2.81
N PHE C 150 -15.72 17.65 3.98
CA PHE C 150 -16.35 18.11 5.21
C PHE C 150 -15.85 19.50 5.62
N CYS C 151 -14.61 19.86 5.27
CA CYS C 151 -14.20 21.26 5.41
C CYS C 151 -14.98 22.18 4.49
N LEU C 152 -15.45 21.66 3.35
CA LEU C 152 -16.33 22.46 2.49
C LEU C 152 -17.73 22.56 3.06
N VAL C 153 -18.05 21.75 4.08
CA VAL C 153 -19.30 21.90 4.80
C VAL C 153 -19.05 22.56 6.16
N GLY C 154 -17.98 22.16 6.84
CA GLY C 154 -17.70 22.66 8.17
C GLY C 154 -17.24 24.08 8.24
N TRP C 155 -16.42 24.49 7.27
CA TRP C 155 -15.94 25.86 7.21
C TRP C 155 -16.51 26.63 6.04
N GLY C 156 -17.25 25.98 5.15
CA GLY C 156 -17.79 26.64 3.97
C GLY C 156 -19.23 27.08 4.14
N ILE C 157 -20.08 26.17 4.66
CA ILE C 157 -21.47 26.52 4.91
C ILE C 157 -21.63 27.56 6.00
N PRO C 158 -20.83 27.58 7.10
CA PRO C 158 -20.85 28.78 7.95
C PRO C 158 -20.35 30.04 7.28
N ALA C 159 -19.30 29.94 6.45
CA ALA C 159 -18.84 31.11 5.70
C ALA C 159 -19.87 31.55 4.67
N ILE C 160 -20.72 30.63 4.24
CA ILE C 160 -21.93 31.02 3.50
C ILE C 160 -22.92 31.69 4.44
N MET C 161 -23.11 31.11 5.62
CA MET C 161 -24.19 31.56 6.51
C MET C 161 -23.88 32.90 7.16
N VAL C 162 -22.62 33.13 7.52
CA VAL C 162 -22.23 34.43 8.09
C VAL C 162 -22.28 35.51 7.00
N ALA C 163 -22.06 35.12 5.74
CA ALA C 163 -22.16 36.08 4.64
C ALA C 163 -23.59 36.57 4.44
N ILE C 164 -24.58 35.77 4.85
CA ILE C 164 -25.96 36.21 4.73
C ILE C 164 -26.32 37.16 5.87
N THR C 165 -25.77 36.92 7.06
CA THR C 165 -26.10 37.74 8.22
C THR C 165 -25.44 39.11 8.15
N VAL C 166 -24.28 39.21 7.49
CA VAL C 166 -23.66 40.52 7.31
C VAL C 166 -24.28 41.27 6.16
N SER C 167 -25.12 40.61 5.35
CA SER C 167 -25.76 41.28 4.22
C SER C 167 -26.89 42.18 4.69
N VAL C 168 -27.68 41.70 5.66
CA VAL C 168 -28.86 42.46 6.08
C VAL C 168 -28.47 43.66 6.92
N LYS C 169 -27.51 43.49 7.84
CA LYS C 169 -26.91 44.56 8.65
C LYS C 169 -27.94 45.30 9.50
N LYS C 170 -29.00 44.63 9.92
CA LYS C 170 -30.00 45.24 10.78
C LYS C 170 -29.46 45.35 12.20
N ASP C 171 -29.60 46.56 12.78
CA ASP C 171 -29.03 46.96 14.07
C ASP C 171 -27.52 46.78 14.12
N LEU C 172 -26.85 46.94 12.97
CA LEU C 172 -25.40 47.04 12.79
C LEU C 172 -24.61 45.77 13.09
N TYR C 173 -25.29 44.69 13.54
CA TYR C 173 -24.73 43.35 13.72
C TYR C 173 -23.55 43.37 14.69
N GLY C 174 -23.87 43.71 15.94
CA GLY C 174 -22.85 43.80 16.97
C GLY C 174 -23.30 44.49 18.22
N THR C 175 -22.62 44.21 19.33
CA THR C 175 -22.84 44.78 20.67
C THR C 175 -24.28 44.64 21.17
N PRO C 181 -21.20 45.94 26.34
CA PRO C 181 -20.53 44.69 26.72
C PRO C 181 -19.78 44.08 25.54
N PHE C 182 -19.39 42.81 25.67
CA PHE C 182 -18.66 42.14 24.60
C PHE C 182 -19.53 42.09 23.36
N CYS C 183 -18.92 42.32 22.20
CA CYS C 183 -19.66 42.33 20.95
C CYS C 183 -20.10 40.96 20.46
N TRP C 184 -21.38 40.87 20.15
CA TRP C 184 -21.98 39.64 19.67
C TRP C 184 -23.24 40.06 18.92
N ILE C 185 -23.90 39.11 18.25
CA ILE C 185 -25.16 39.37 17.57
C ILE C 185 -26.19 39.95 18.53
N LYS C 186 -26.77 41.09 18.14
CA LYS C 186 -27.69 41.81 19.00
C LYS C 186 -29.06 41.99 18.34
N ASP C 187 -29.43 41.07 17.47
CA ASP C 187 -30.70 41.11 16.77
C ASP C 187 -31.60 39.99 17.28
N ASP C 188 -32.90 40.15 17.04
CA ASP C 188 -33.85 39.11 17.43
C ASP C 188 -33.94 38.02 16.37
N SER C 189 -34.35 38.37 15.15
CA SER C 189 -34.57 37.38 14.12
C SER C 189 -33.27 36.90 13.50
N ILE C 190 -32.27 37.79 13.42
CA ILE C 190 -31.02 37.43 12.76
C ILE C 190 -30.15 36.57 13.67
N PHE C 191 -30.46 36.54 14.96
CA PHE C 191 -29.78 35.59 15.84
C PHE C 191 -30.49 34.24 15.85
N TYR C 192 -31.81 34.25 15.82
CA TYR C 192 -32.60 33.02 15.88
C TYR C 192 -32.46 32.22 14.60
N ILE C 193 -32.76 32.85 13.47
CA ILE C 193 -32.79 32.15 12.19
C ILE C 193 -31.40 31.78 11.68
N SER C 194 -30.34 32.35 12.25
CA SER C 194 -28.99 32.05 11.77
C SER C 194 -28.25 31.12 12.72
N VAL C 195 -28.38 31.35 14.01
CA VAL C 195 -27.76 30.49 15.01
C VAL C 195 -28.74 29.46 15.55
N VAL C 196 -29.84 29.93 16.16
CA VAL C 196 -30.69 29.05 16.96
C VAL C 196 -31.48 28.10 16.06
N ALA C 197 -31.96 28.59 14.92
CA ALA C 197 -32.69 27.71 14.01
C ALA C 197 -31.75 26.77 13.29
N TYR C 198 -30.51 27.19 13.06
CA TYR C 198 -29.53 26.30 12.44
C TYR C 198 -29.01 25.28 13.45
N PHE C 199 -28.77 25.72 14.68
CA PHE C 199 -28.23 24.80 15.69
C PHE C 199 -29.27 23.78 16.12
N CYS C 200 -30.54 24.18 16.24
CA CYS C 200 -31.60 23.21 16.55
C CYS C 200 -31.76 22.18 15.45
N LEU C 201 -31.59 22.61 14.19
CA LEU C 201 -31.52 21.67 13.08
C LEU C 201 -30.27 20.80 13.18
N ILE C 202 -29.20 21.36 13.74
CA ILE C 202 -27.98 20.59 13.95
C ILE C 202 -28.09 19.75 15.22
N PHE C 203 -28.78 20.26 16.25
CA PHE C 203 -28.90 19.52 17.51
C PHE C 203 -29.77 18.29 17.36
N LEU C 204 -30.83 18.35 16.56
CA LEU C 204 -31.62 17.16 16.27
C LEU C 204 -30.82 16.17 15.45
N MET C 205 -29.87 16.66 14.64
CA MET C 205 -29.00 15.77 13.90
C MET C 205 -28.00 15.09 14.82
N ASN C 206 -27.45 15.83 15.79
CA ASN C 206 -26.41 15.21 16.61
C ASN C 206 -26.97 14.57 17.88
N LEU C 207 -28.27 14.74 18.13
CA LEU C 207 -28.91 13.91 19.15
C LEU C 207 -29.34 12.57 18.57
N SER C 208 -29.77 12.58 17.30
CA SER C 208 -30.15 11.35 16.61
C SER C 208 -28.96 10.43 16.45
N MET C 209 -27.79 11.00 16.14
CA MET C 209 -26.57 10.19 16.15
C MET C 209 -25.89 10.24 17.51
N PHE C 210 -26.64 10.52 18.56
CA PHE C 210 -26.18 10.23 19.91
C PHE C 210 -27.01 9.11 20.51
N CYS C 211 -28.31 9.08 20.21
CA CYS C 211 -29.14 7.95 20.59
C CYS C 211 -28.77 6.72 19.77
N THR C 212 -28.47 6.90 18.48
CA THR C 212 -28.19 5.75 17.63
C THR C 212 -26.83 5.16 17.95
N VAL C 213 -25.83 6.01 18.24
CA VAL C 213 -24.52 5.48 18.59
C VAL C 213 -24.54 4.86 19.99
N LEU C 214 -25.47 5.30 20.85
CA LEU C 214 -25.61 4.61 22.13
C LEU C 214 -26.29 3.25 21.98
N VAL C 215 -27.17 3.10 21.00
CA VAL C 215 -27.76 1.78 20.80
C VAL C 215 -26.91 0.93 19.84
N GLN C 216 -25.92 1.53 19.18
CA GLN C 216 -24.92 0.71 18.51
C GLN C 216 -23.88 0.22 19.50
N LEU C 217 -23.40 1.11 20.38
CA LEU C 217 -22.39 0.74 21.36
C LEU C 217 -22.94 -0.15 22.46
N ASN C 218 -24.26 -0.16 22.66
CA ASN C 218 -24.86 -1.10 23.60
C ASN C 218 -24.81 -2.52 23.06
N SER C 219 -25.03 -2.69 21.75
CA SER C 219 -24.99 -4.01 21.15
C SER C 219 -23.56 -4.55 21.06
N VAL C 220 -22.59 -3.65 21.05
CA VAL C 220 -21.18 -4.06 21.03
C VAL C 220 -20.72 -4.42 22.44
N LYS C 221 -21.15 -3.65 23.43
CA LYS C 221 -20.76 -3.91 24.81
C LYS C 221 -21.46 -5.14 25.37
N SER C 222 -22.61 -5.49 24.81
CA SER C 222 -23.33 -6.68 25.26
C SER C 222 -22.69 -7.93 24.67
N ARG C 228 -21.18 -2.80 39.06
CA ARG C 228 -21.60 -2.19 37.80
C ARG C 228 -20.51 -1.28 37.24
N ARG C 229 -19.45 -1.10 38.01
CA ARG C 229 -18.37 -0.22 37.61
C ARG C 229 -17.51 -0.86 36.52
N LYS C 230 -16.87 -0.02 35.72
CA LYS C 230 -16.05 -0.28 34.54
C LYS C 230 -16.83 -0.84 33.36
N MET C 231 -18.14 -1.05 33.50
CA MET C 231 -19.01 -1.32 32.37
C MET C 231 -20.14 -0.30 32.26
N ILE C 232 -20.41 0.47 33.31
CA ILE C 232 -21.24 1.66 33.25
C ILE C 232 -20.28 2.82 33.09
N LEU C 233 -19.10 2.70 33.71
CA LEU C 233 -18.06 3.72 33.58
C LEU C 233 -17.52 3.78 32.16
N HIS C 234 -17.29 2.62 31.54
CA HIS C 234 -16.93 2.61 30.12
C HIS C 234 -18.12 3.00 29.26
N ASP C 235 -19.34 2.71 29.73
CA ASP C 235 -20.52 3.26 29.08
C ASP C 235 -20.66 4.75 29.35
N LEU C 236 -20.06 5.24 30.44
CA LEU C 236 -20.01 6.68 30.71
C LEU C 236 -18.93 7.34 29.86
N LYS C 237 -17.73 6.77 29.88
CA LYS C 237 -16.61 7.26 29.07
C LYS C 237 -16.88 7.09 27.58
N GLY C 238 -17.81 6.20 27.24
CA GLY C 238 -18.33 6.17 25.88
C GLY C 238 -19.32 7.28 25.62
N THR C 239 -20.14 7.61 26.62
CA THR C 239 -21.20 8.60 26.38
C THR C 239 -20.79 10.00 26.80
N MET C 240 -19.78 10.11 27.66
CA MET C 240 -19.28 11.41 28.09
C MET C 240 -18.39 11.97 27.00
N SER C 241 -17.81 11.07 26.20
CA SER C 241 -16.95 11.47 25.10
C SER C 241 -17.75 11.57 23.81
N LEU C 242 -19.05 11.32 23.88
CA LEU C 242 -19.89 11.42 22.72
C LEU C 242 -20.75 12.66 22.84
N THR C 243 -21.03 13.07 24.07
CA THR C 243 -21.81 14.29 24.28
C THR C 243 -20.97 15.55 24.06
N PHE C 244 -19.66 15.42 23.91
CA PHE C 244 -18.79 16.55 23.65
C PHE C 244 -18.13 16.53 22.29
N LEU C 245 -18.32 15.47 21.51
CA LEU C 245 -18.04 15.57 20.08
C LEU C 245 -19.23 16.07 19.30
N LEU C 246 -20.43 15.76 19.76
CA LEU C 246 -21.65 16.20 19.12
C LEU C 246 -22.24 17.43 19.80
N GLY C 247 -21.71 17.84 20.94
CA GLY C 247 -22.23 18.97 21.67
C GLY C 247 -23.66 18.79 22.14
N LEU C 248 -23.95 17.71 22.87
CA LEU C 248 -25.29 17.55 23.43
C LEU C 248 -25.48 18.51 24.59
N THR C 249 -24.38 18.90 25.24
CA THR C 249 -24.44 19.91 26.28
C THR C 249 -24.74 21.29 25.71
N TRP C 250 -24.49 21.50 24.41
CA TRP C 250 -24.86 22.75 23.77
C TRP C 250 -26.37 22.91 23.63
N GLY C 251 -27.12 21.82 23.78
CA GLY C 251 -28.57 21.92 23.81
C GLY C 251 -29.15 22.24 25.16
N PHE C 252 -28.32 22.65 26.12
CA PHE C 252 -28.80 23.08 27.42
C PHE C 252 -29.59 24.38 27.33
N ALA C 253 -29.44 25.12 26.22
CA ALA C 253 -30.18 26.35 25.99
C ALA C 253 -31.67 26.14 26.01
N PHE C 254 -32.14 25.04 25.40
CA PHE C 254 -33.56 24.74 25.39
C PHE C 254 -34.02 24.32 26.79
N PHE C 255 -33.12 23.73 27.58
CA PHE C 255 -33.43 23.45 28.97
C PHE C 255 -33.34 24.72 29.82
N ALA C 256 -32.41 25.62 29.48
CA ALA C 256 -32.31 26.88 30.20
C ALA C 256 -33.38 27.88 29.77
N TRP C 257 -34.14 27.57 28.72
CA TRP C 257 -35.28 28.41 28.33
C TRP C 257 -36.36 28.41 29.39
N GLY C 258 -36.46 27.33 30.17
CA GLY C 258 -37.36 27.26 31.30
C GLY C 258 -37.01 28.27 32.37
N PRO C 259 -38.03 28.92 32.94
CA PRO C 259 -37.75 30.05 33.85
C PRO C 259 -37.30 29.61 35.22
N MET C 260 -37.64 28.39 35.64
CA MET C 260 -37.32 27.95 36.99
C MET C 260 -35.84 27.62 37.12
N ARG C 261 -35.38 26.61 36.38
CA ARG C 261 -34.02 26.10 36.51
C ARG C 261 -33.07 27.02 35.74
N ASN C 262 -32.32 27.83 36.46
CA ASN C 262 -31.22 28.60 35.88
C ASN C 262 -29.88 27.94 36.14
N PHE C 263 -29.86 26.70 36.61
CA PHE C 263 -28.63 25.95 36.77
C PHE C 263 -28.07 25.49 35.43
N PHE C 264 -28.91 25.49 34.38
CA PHE C 264 -28.46 25.03 33.08
C PHE C 264 -27.50 26.01 32.44
N LEU C 265 -27.64 27.30 32.73
CA LEU C 265 -26.63 28.26 32.30
C LEU C 265 -25.34 28.08 33.09
N TYR C 266 -25.46 27.70 34.36
CA TYR C 266 -24.27 27.34 35.13
C TYR C 266 -23.69 26.04 34.60
N LEU C 267 -24.56 25.14 34.12
CA LEU C 267 -24.09 23.91 33.49
C LEU C 267 -23.54 24.20 32.09
N PHE C 268 -24.02 25.27 31.46
CA PHE C 268 -23.57 25.64 30.13
C PHE C 268 -22.11 26.05 30.14
N ALA C 269 -21.72 26.88 31.10
CA ALA C 269 -20.37 27.42 31.13
C ALA C 269 -19.41 26.46 31.82
N ILE C 270 -19.93 25.37 32.37
CA ILE C 270 -19.02 24.38 32.95
C ILE C 270 -18.87 23.20 32.01
N PHE C 271 -19.75 23.09 31.01
CA PHE C 271 -19.62 22.00 30.05
C PHE C 271 -19.25 22.48 28.66
N ASN C 272 -20.02 23.40 28.09
CA ASN C 272 -19.76 23.87 26.74
C ASN C 272 -18.53 24.74 26.63
N THR C 273 -18.02 25.23 27.75
CA THR C 273 -16.75 25.92 27.81
C THR C 273 -15.61 24.95 28.08
N LEU C 274 -15.83 23.99 28.97
CA LEU C 274 -14.87 22.94 29.26
C LEU C 274 -14.99 21.79 28.27
N GLN C 275 -15.76 21.98 27.19
CA GLN C 275 -15.82 21.03 26.08
C GLN C 275 -14.46 20.82 25.45
N GLY C 276 -13.62 21.87 25.45
CA GLY C 276 -12.25 21.70 24.99
C GLY C 276 -11.44 20.79 25.89
N PHE C 277 -11.68 20.89 27.20
CA PHE C 277 -11.00 19.98 28.12
C PHE C 277 -11.62 18.59 28.03
N PHE C 278 -12.92 18.51 27.77
CA PHE C 278 -13.60 17.22 27.77
C PHE C 278 -13.35 16.46 26.46
N ILE C 279 -13.10 17.18 25.37
CA ILE C 279 -12.57 16.52 24.19
C ILE C 279 -11.13 16.07 24.44
N PHE C 280 -10.35 16.90 25.11
CA PHE C 280 -8.94 16.58 25.35
C PHE C 280 -8.80 15.41 26.31
N VAL C 281 -9.60 15.39 27.38
CA VAL C 281 -9.42 14.35 28.39
C VAL C 281 -9.95 13.01 27.90
N PHE C 282 -10.76 13.01 26.83
CA PHE C 282 -11.38 11.77 26.36
C PHE C 282 -10.81 11.32 25.02
N HIS C 283 -10.86 12.24 24.05
CA HIS C 283 -10.37 12.02 22.70
C HIS C 283 -8.91 12.41 22.49
N CYS C 284 -8.18 12.68 23.57
CA CYS C 284 -6.77 12.99 23.44
C CYS C 284 -5.94 12.62 24.66
N VAL C 285 -6.52 11.98 25.69
CA VAL C 285 -5.76 11.39 26.78
C VAL C 285 -6.02 9.90 26.89
N MET C 286 -7.29 9.50 26.97
CA MET C 286 -7.63 8.09 27.03
C MET C 286 -7.98 7.52 25.66
N LYS C 287 -7.35 8.03 24.61
CA LYS C 287 -7.40 7.45 23.28
C LYS C 287 -6.42 6.29 23.12
N GLU C 288 -5.32 6.32 23.87
CA GLU C 288 -4.22 5.34 23.97
C GLU C 288 -3.35 5.27 22.71
N SER C 289 -3.69 6.00 21.65
CA SER C 289 -2.81 6.20 20.51
C SER C 289 -2.07 7.51 20.58
N VAL C 290 -2.69 8.54 21.17
CA VAL C 290 -2.02 9.81 21.39
C VAL C 290 -0.91 9.65 22.44
N ARG C 291 -1.12 8.77 23.41
CA ARG C 291 -0.09 8.51 24.41
C ARG C 291 1.05 7.71 23.81
N GLU C 292 0.77 6.95 22.76
CA GLU C 292 1.84 6.27 22.03
C GLU C 292 2.69 7.28 21.25
N GLN C 293 2.08 8.39 20.84
CA GLN C 293 2.81 9.40 20.09
C GLN C 293 3.26 10.57 20.97
N TRP C 294 2.71 10.70 22.18
CA TRP C 294 3.24 11.68 23.12
C TRP C 294 4.63 11.28 23.59
N GLN C 295 4.81 10.00 23.90
CA GLN C 295 6.11 9.48 24.27
C GLN C 295 6.99 9.42 23.02
N ILE C 296 7.94 10.36 22.93
CA ILE C 296 8.83 10.57 21.78
C ILE C 296 8.05 10.76 20.48
N VAL D 2 -3.24 -0.90 -34.81
CA VAL D 2 -3.10 0.54 -34.69
C VAL D 2 -3.40 1.18 -36.03
N GLN D 3 -4.61 1.73 -36.16
CA GLN D 3 -5.08 2.31 -37.42
C GLN D 3 -5.80 3.61 -37.10
N LEU D 4 -5.12 4.73 -37.33
CA LEU D 4 -5.66 6.05 -37.07
C LEU D 4 -6.36 6.63 -38.31
N VAL D 5 -7.31 5.89 -38.89
CA VAL D 5 -7.88 6.30 -40.16
C VAL D 5 -8.85 7.47 -39.93
N GLU D 6 -8.96 8.34 -40.94
CA GLU D 6 -9.72 9.57 -40.85
C GLU D 6 -11.06 9.43 -41.58
N SER D 7 -12.11 9.96 -40.98
CA SER D 7 -13.43 9.99 -41.59
C SER D 7 -13.80 11.36 -42.15
N GLY D 8 -12.91 12.34 -42.04
CA GLY D 8 -13.21 13.68 -42.50
C GLY D 8 -13.16 13.82 -44.00
N GLY D 9 -13.64 14.96 -44.48
CA GLY D 9 -13.69 15.24 -45.90
C GLY D 9 -13.10 16.59 -46.23
N GLY D 10 -12.89 16.81 -47.53
CA GLY D 10 -12.34 18.06 -48.01
C GLY D 10 -13.30 18.86 -48.85
N LEU D 11 -12.78 19.77 -49.68
CA LEU D 11 -13.52 20.68 -50.56
C LEU D 11 -14.52 21.52 -49.77
N VAL D 12 -13.96 22.36 -48.89
CA VAL D 12 -14.73 23.15 -47.95
C VAL D 12 -14.94 24.54 -48.53
N GLN D 13 -16.12 25.11 -48.28
CA GLN D 13 -16.39 26.48 -48.66
C GLN D 13 -15.54 27.45 -47.84
N PRO D 14 -15.23 28.63 -48.39
CA PRO D 14 -14.50 29.64 -47.59
C PRO D 14 -15.36 30.17 -46.47
N GLY D 15 -14.85 30.06 -45.24
CA GLY D 15 -15.63 30.33 -44.06
C GLY D 15 -16.46 29.17 -43.58
N GLY D 16 -16.35 28.01 -44.21
CA GLY D 16 -17.10 26.85 -43.79
C GLY D 16 -16.66 26.33 -42.44
N SER D 17 -17.54 25.53 -41.83
CA SER D 17 -17.39 25.10 -40.46
C SER D 17 -17.56 23.59 -40.34
N ARG D 18 -16.85 22.84 -41.19
CA ARG D 18 -16.94 21.39 -41.15
C ARG D 18 -16.15 20.83 -39.98
N LYS D 19 -16.63 19.68 -39.48
CA LYS D 19 -15.96 18.94 -38.43
C LYS D 19 -15.12 17.84 -39.07
N LEU D 20 -13.91 17.65 -38.56
CA LEU D 20 -12.97 16.69 -39.13
C LEU D 20 -12.73 15.57 -38.13
N SER D 21 -12.98 14.34 -38.55
CA SER D 21 -13.03 13.19 -37.66
C SER D 21 -11.75 12.36 -37.77
N CYS D 22 -11.24 11.93 -36.62
CA CYS D 22 -10.11 11.01 -36.52
C CYS D 22 -10.60 9.79 -35.76
N SER D 23 -10.93 8.73 -36.49
CA SER D 23 -11.42 7.49 -35.89
C SER D 23 -10.23 6.65 -35.44
N ALA D 24 -9.97 6.66 -34.14
CA ALA D 24 -8.83 5.91 -33.61
C ALA D 24 -9.20 4.46 -33.37
N SER D 25 -8.24 3.57 -33.61
CA SER D 25 -8.47 2.14 -33.45
C SER D 25 -7.13 1.44 -33.26
N GLY D 26 -7.18 0.35 -32.50
CA GLY D 26 -6.00 -0.46 -32.28
C GLY D 26 -5.17 -0.08 -31.06
N PHE D 27 -5.61 0.90 -30.27
CA PHE D 27 -4.86 1.31 -29.09
C PHE D 27 -5.81 1.87 -28.06
N ALA D 28 -5.27 2.15 -26.88
CA ALA D 28 -6.03 2.79 -25.80
C ALA D 28 -6.07 4.29 -26.05
N PHE D 29 -6.99 4.68 -26.94
CA PHE D 29 -7.08 6.06 -27.42
C PHE D 29 -7.47 7.01 -26.30
N SER D 30 -8.17 6.51 -25.28
CA SER D 30 -8.42 7.30 -24.09
C SER D 30 -7.16 7.60 -23.28
N SER D 31 -6.09 6.83 -23.48
CA SER D 31 -4.84 7.04 -22.78
C SER D 31 -3.81 7.78 -23.61
N PHE D 32 -4.22 8.43 -24.69
CA PHE D 32 -3.31 9.07 -25.64
C PHE D 32 -3.59 10.55 -25.74
N GLY D 33 -2.53 11.35 -25.75
CA GLY D 33 -2.66 12.73 -26.17
C GLY D 33 -2.78 12.80 -27.67
N MET D 34 -3.85 13.40 -28.16
CA MET D 34 -4.13 13.41 -29.59
C MET D 34 -3.92 14.79 -30.19
N HIS D 35 -3.30 14.82 -31.37
CA HIS D 35 -2.96 16.09 -32.02
C HIS D 35 -3.66 16.26 -33.35
N TRP D 36 -3.26 17.31 -34.07
CA TRP D 36 -3.66 17.52 -35.47
C TRP D 36 -2.54 18.29 -36.12
N VAL D 37 -2.07 17.83 -37.27
CA VAL D 37 -0.90 18.41 -37.92
C VAL D 37 -1.23 18.65 -39.39
N ARG D 38 -0.97 19.87 -39.85
CA ARG D 38 -1.17 20.27 -41.24
C ARG D 38 -0.12 19.66 -42.15
N GLN D 39 -0.43 19.67 -43.46
CA GLN D 39 0.60 19.61 -44.50
C GLN D 39 -0.02 20.26 -45.73
N ALA D 40 0.38 21.50 -46.00
CA ALA D 40 -0.02 22.15 -47.24
C ALA D 40 0.65 21.44 -48.43
N PRO D 41 -0.01 21.36 -49.59
CA PRO D 41 0.58 20.62 -50.71
C PRO D 41 1.83 21.27 -51.29
N GLU D 42 1.99 22.58 -51.11
CA GLU D 42 3.20 23.27 -51.52
C GLU D 42 4.14 23.56 -50.36
N LYS D 43 3.88 23.00 -49.18
CA LYS D 43 4.68 23.31 -48.00
C LYS D 43 4.84 22.03 -47.18
N GLY D 44 5.29 22.21 -45.93
CA GLY D 44 5.52 21.10 -45.03
C GLY D 44 4.52 21.05 -43.88
N LEU D 45 4.95 20.42 -42.79
CA LEU D 45 4.07 20.20 -41.66
C LEU D 45 3.98 21.45 -40.78
N GLU D 46 2.76 21.73 -40.32
CA GLU D 46 2.54 22.67 -39.23
C GLU D 46 1.50 22.04 -38.30
N TRP D 47 1.48 22.48 -37.06
CA TRP D 47 0.64 21.84 -36.07
C TRP D 47 -0.65 22.64 -35.85
N VAL D 48 -1.72 21.95 -35.46
CA VAL D 48 -3.01 22.60 -35.28
C VAL D 48 -3.42 22.62 -33.82
N ALA D 49 -3.68 21.44 -33.27
CA ALA D 49 -4.43 21.34 -32.03
C ALA D 49 -3.83 20.24 -31.19
N TYR D 50 -4.48 20.00 -30.05
CA TYR D 50 -4.02 19.05 -29.06
C TYR D 50 -5.12 18.81 -28.05
N ILE D 51 -5.32 17.55 -27.68
CA ILE D 51 -5.94 17.19 -26.41
C ILE D 51 -5.02 16.17 -25.77
N SER D 52 -4.81 16.28 -24.47
CA SER D 52 -4.12 15.21 -23.77
C SER D 52 -5.07 14.07 -23.48
N SER D 53 -4.61 13.13 -22.66
CA SER D 53 -5.50 12.10 -22.13
C SER D 53 -6.55 12.75 -21.23
N GLY D 54 -7.81 12.60 -21.61
CA GLY D 54 -8.88 13.30 -20.92
C GLY D 54 -9.27 14.58 -21.64
N SER D 55 -9.38 15.68 -20.91
CA SER D 55 -9.68 16.95 -21.52
C SER D 55 -8.81 18.08 -21.01
N GLY D 56 -7.97 17.83 -20.01
CA GLY D 56 -7.07 18.86 -19.54
C GLY D 56 -5.94 19.10 -20.52
N THR D 57 -5.45 20.35 -20.52
CA THR D 57 -4.40 20.85 -21.42
C THR D 57 -4.76 20.60 -22.88
N ILE D 58 -5.85 21.21 -23.32
CA ILE D 58 -6.17 21.34 -24.74
C ILE D 58 -5.43 22.56 -25.25
N TYR D 59 -4.59 22.37 -26.28
CA TYR D 59 -3.81 23.46 -26.82
C TYR D 59 -4.11 23.67 -28.29
N TYR D 60 -3.68 24.82 -28.80
CA TYR D 60 -3.88 25.20 -30.18
C TYR D 60 -2.72 26.05 -30.65
N ALA D 61 -2.59 26.16 -31.96
CA ALA D 61 -1.71 27.16 -32.53
C ALA D 61 -2.39 28.52 -32.45
N ASP D 62 -1.60 29.59 -32.54
CA ASP D 62 -2.17 30.92 -32.48
C ASP D 62 -2.96 31.27 -33.73
N THR D 63 -2.75 30.55 -34.84
CA THR D 63 -3.52 30.76 -36.05
C THR D 63 -4.86 30.05 -36.03
N VAL D 64 -5.07 29.11 -35.11
CA VAL D 64 -6.32 28.36 -35.04
C VAL D 64 -6.86 28.38 -33.61
N LYS D 65 -6.50 29.41 -32.84
CA LYS D 65 -6.81 29.43 -31.42
C LYS D 65 -8.31 29.58 -31.15
N GLY D 66 -9.04 30.18 -32.10
CA GLY D 66 -10.47 30.31 -31.94
C GLY D 66 -11.26 29.74 -33.10
N ARG D 67 -10.61 29.62 -34.26
CA ARG D 67 -11.32 29.13 -35.44
C ARG D 67 -11.46 27.62 -35.43
N PHE D 68 -10.43 26.91 -34.99
CA PHE D 68 -10.46 25.45 -34.94
C PHE D 68 -10.58 25.02 -33.48
N THR D 69 -11.50 24.13 -33.19
CA THR D 69 -11.61 23.55 -31.86
C THR D 69 -11.61 22.04 -31.95
N ILE D 70 -11.12 21.40 -30.89
CA ILE D 70 -10.86 19.97 -30.87
C ILE D 70 -11.56 19.36 -29.65
N SER D 71 -12.16 18.19 -29.85
CA SER D 71 -12.92 17.52 -28.79
C SER D 71 -12.99 16.04 -29.12
N ARG D 72 -12.52 15.20 -28.21
CA ARG D 72 -12.44 13.77 -28.44
C ARG D 72 -13.68 13.08 -27.89
N ASP D 73 -14.07 11.98 -28.53
CA ASP D 73 -15.17 11.15 -28.07
C ASP D 73 -14.56 9.83 -27.61
N ASP D 74 -14.22 9.77 -26.32
CA ASP D 74 -13.54 8.59 -25.78
C ASP D 74 -14.43 7.35 -25.67
N PRO D 75 -15.73 7.42 -25.31
CA PRO D 75 -16.57 6.21 -25.49
C PRO D 75 -16.77 5.83 -26.94
N LYS D 76 -16.88 6.81 -27.85
CA LYS D 76 -17.05 6.50 -29.26
C LYS D 76 -15.73 6.18 -29.95
N ASN D 77 -14.59 6.30 -29.24
CA ASN D 77 -13.25 5.92 -29.70
C ASN D 77 -12.86 6.70 -30.96
N THR D 78 -13.01 8.02 -30.91
CA THR D 78 -12.76 8.85 -32.07
C THR D 78 -12.42 10.26 -31.64
N LEU D 79 -11.63 10.96 -32.47
CA LEU D 79 -11.26 12.34 -32.24
C LEU D 79 -11.90 13.23 -33.28
N PHE D 80 -12.39 14.39 -32.86
CA PHE D 80 -12.99 15.35 -33.76
C PHE D 80 -12.15 16.62 -33.81
N LEU D 81 -12.14 17.26 -34.98
CA LEU D 81 -11.63 18.62 -35.14
C LEU D 81 -12.78 19.44 -35.70
N GLN D 82 -13.56 20.06 -34.80
CA GLN D 82 -14.67 20.91 -35.23
C GLN D 82 -14.12 22.23 -35.73
N MET D 83 -13.60 22.22 -36.95
CA MET D 83 -13.07 23.43 -37.55
C MET D 83 -14.20 24.39 -37.87
N THR D 84 -13.95 25.68 -37.69
CA THR D 84 -14.87 26.73 -38.10
C THR D 84 -14.10 27.79 -38.86
N SER D 85 -14.79 28.42 -39.82
CA SER D 85 -14.22 29.45 -40.71
C SER D 85 -12.99 28.93 -41.45
N LEU D 86 -13.19 27.85 -42.21
CA LEU D 86 -12.13 27.29 -43.04
C LEU D 86 -11.83 28.24 -44.19
N ARG D 87 -10.68 28.90 -44.14
CA ARG D 87 -10.28 29.93 -45.07
C ARG D 87 -9.02 29.47 -45.80
N SER D 88 -8.36 30.42 -46.48
CA SER D 88 -7.03 30.17 -47.01
C SER D 88 -6.08 29.85 -45.87
N GLU D 89 -5.09 29.00 -46.18
CA GLU D 89 -4.12 28.37 -45.28
C GLU D 89 -4.76 27.41 -44.28
N ASP D 90 -6.05 27.14 -44.39
CA ASP D 90 -6.67 26.00 -43.71
C ASP D 90 -6.75 24.78 -44.61
N THR D 91 -6.12 24.84 -45.78
CA THR D 91 -6.02 23.70 -46.67
C THR D 91 -4.78 22.89 -46.31
N ALA D 92 -5.00 21.64 -45.93
CA ALA D 92 -3.92 20.77 -45.48
C ALA D 92 -4.39 19.33 -45.51
N MET D 93 -3.42 18.42 -45.64
CA MET D 93 -3.65 17.00 -45.42
C MET D 93 -3.56 16.80 -43.90
N TYR D 94 -4.70 16.88 -43.24
CA TYR D 94 -4.73 16.99 -41.79
C TYR D 94 -4.46 15.64 -41.12
N TYR D 95 -3.32 15.54 -40.43
CA TYR D 95 -2.84 14.30 -39.86
C TYR D 95 -3.16 14.24 -38.37
N CYS D 96 -4.00 13.30 -37.99
CA CYS D 96 -4.26 13.03 -36.58
C CYS D 96 -3.13 12.20 -36.01
N VAL D 97 -2.58 12.64 -34.87
CA VAL D 97 -1.33 12.09 -34.35
C VAL D 97 -1.55 11.49 -32.97
N ARG D 98 -1.14 10.24 -32.81
CA ARG D 98 -1.03 9.58 -31.51
C ARG D 98 0.19 10.12 -30.79
N SER D 99 0.06 10.35 -29.48
CA SER D 99 1.20 10.84 -28.69
C SER D 99 0.93 10.58 -27.21
N ILE D 100 1.69 9.70 -26.58
CA ILE D 100 1.53 9.47 -25.16
C ILE D 100 2.72 10.06 -24.44
N TYR D 101 2.47 10.74 -23.32
CA TYR D 101 3.51 11.48 -22.62
C TYR D 101 3.73 10.88 -21.25
N TYR D 102 4.91 10.33 -21.04
CA TYR D 102 5.41 9.90 -19.74
C TYR D 102 6.93 9.85 -19.88
N TYR D 103 7.62 9.50 -18.79
CA TYR D 103 9.06 9.39 -18.90
C TYR D 103 9.42 8.15 -19.71
N GLY D 104 10.31 8.33 -20.69
CA GLY D 104 10.66 7.25 -21.57
C GLY D 104 9.66 6.99 -22.67
N SER D 105 8.61 7.80 -22.75
CA SER D 105 7.61 7.63 -23.78
C SER D 105 8.14 8.06 -25.13
N SER D 106 7.47 7.60 -26.17
CA SER D 106 7.70 8.07 -27.54
C SER D 106 6.41 8.73 -28.02
N PRO D 107 6.22 10.01 -27.71
CA PRO D 107 5.07 10.72 -28.29
C PRO D 107 5.29 10.98 -29.77
N PHE D 108 4.20 11.36 -30.44
CA PHE D 108 4.14 11.64 -31.87
C PHE D 108 4.53 10.44 -32.73
N ASP D 109 4.34 9.22 -32.21
CA ASP D 109 4.93 8.04 -32.84
C ASP D 109 3.97 7.30 -33.76
N PHE D 110 2.69 7.65 -33.80
CA PHE D 110 1.82 7.10 -34.82
C PHE D 110 0.95 8.20 -35.39
N TRP D 111 0.70 8.12 -36.69
CA TRP D 111 0.14 9.23 -37.44
C TRP D 111 -1.02 8.74 -38.30
N GLY D 112 -2.06 9.55 -38.37
CA GLY D 112 -3.19 9.23 -39.22
C GLY D 112 -2.85 9.35 -40.69
N GLN D 113 -3.67 8.69 -41.52
CA GLN D 113 -3.45 8.73 -42.96
C GLN D 113 -3.70 10.11 -43.52
N GLY D 114 -4.62 10.86 -42.94
CA GLY D 114 -4.81 12.25 -43.31
C GLY D 114 -6.12 12.49 -44.03
N THR D 115 -6.69 13.67 -43.82
CA THR D 115 -7.81 14.17 -44.59
C THR D 115 -7.33 15.34 -45.45
N THR D 116 -7.44 15.18 -46.76
CA THR D 116 -7.08 16.25 -47.69
C THR D 116 -8.19 17.30 -47.67
N LEU D 117 -8.14 18.18 -46.68
CA LEU D 117 -9.09 19.28 -46.58
C LEU D 117 -8.62 20.42 -47.47
N THR D 118 -9.54 20.95 -48.28
CA THR D 118 -9.23 22.01 -49.23
C THR D 118 -10.29 23.10 -49.15
N VAL D 119 -9.87 24.32 -49.45
CA VAL D 119 -10.77 25.47 -49.46
C VAL D 119 -10.96 25.92 -50.91
N SER D 120 -12.22 26.09 -51.31
CA SER D 120 -12.55 26.50 -52.67
C SER D 120 -11.78 27.75 -53.09
N ASP D 137 7.09 32.59 -31.00
CA ASP D 137 7.19 31.19 -30.62
C ASP D 137 8.44 30.61 -31.27
N ILE D 138 8.55 29.28 -31.25
CA ILE D 138 9.65 28.60 -31.90
C ILE D 138 9.41 28.56 -33.40
N VAL D 139 10.37 29.07 -34.17
CA VAL D 139 10.22 29.24 -35.61
C VAL D 139 11.30 28.42 -36.31
N MET D 140 11.62 27.26 -35.72
CA MET D 140 12.71 26.42 -36.19
C MET D 140 12.48 25.92 -37.63
N THR D 141 13.58 25.85 -38.38
CA THR D 141 13.55 25.40 -39.76
C THR D 141 14.93 24.84 -40.11
N GLN D 142 15.06 24.35 -41.34
CA GLN D 142 16.32 23.78 -41.80
C GLN D 142 16.38 23.91 -43.31
N ALA D 143 17.43 23.32 -43.89
CA ALA D 143 17.60 23.28 -45.34
C ALA D 143 16.55 22.36 -45.96
N THR D 144 16.41 22.46 -47.28
CA THR D 144 15.39 21.72 -48.02
C THR D 144 15.95 20.56 -48.82
N SER D 145 17.26 20.56 -49.08
CA SER D 145 17.98 19.52 -49.86
C SER D 145 17.38 19.26 -51.24
N PRO D 151 22.03 6.31 -51.24
CA PRO D 151 21.76 4.90 -50.91
C PRO D 151 22.97 4.17 -50.37
N GLY D 152 22.92 3.78 -49.10
CA GLY D 152 24.01 3.09 -48.46
C GLY D 152 25.06 3.98 -47.83
N GLU D 153 24.96 5.30 -47.99
CA GLU D 153 25.93 6.23 -47.46
C GLU D 153 25.31 7.07 -46.35
N SER D 154 26.17 7.69 -45.55
CA SER D 154 25.71 8.48 -44.41
C SER D 154 25.46 9.92 -44.83
N VAL D 155 24.35 10.49 -44.35
CA VAL D 155 23.98 11.88 -44.58
C VAL D 155 23.68 12.54 -43.23
N SER D 156 23.38 13.84 -43.28
CA SER D 156 23.01 14.60 -42.10
C SER D 156 22.03 15.69 -42.52
N ILE D 157 21.30 16.23 -41.54
CA ILE D 157 20.13 17.06 -41.80
C ILE D 157 20.33 18.49 -41.28
N SER D 158 20.85 18.63 -40.05
CA SER D 158 21.26 19.90 -39.43
C SER D 158 20.10 20.90 -39.31
N CYS D 159 19.14 20.53 -38.47
CA CYS D 159 18.04 21.42 -38.09
C CYS D 159 18.46 22.34 -36.95
N ARG D 160 18.07 23.61 -37.05
CA ARG D 160 18.37 24.62 -36.06
C ARG D 160 17.09 25.11 -35.41
N SER D 161 17.17 25.47 -34.13
CA SER D 161 16.01 25.87 -33.36
C SER D 161 15.97 27.38 -33.16
N SER D 162 14.87 27.84 -32.57
CA SER D 162 14.76 29.24 -32.18
C SER D 162 15.29 29.47 -30.78
N LYS D 163 15.02 28.54 -29.86
CA LYS D 163 15.46 28.65 -28.48
C LYS D 163 16.15 27.36 -28.09
N SER D 164 16.86 27.40 -26.96
CA SER D 164 17.48 26.20 -26.43
C SER D 164 16.42 25.23 -25.94
N LEU D 165 16.68 23.94 -26.10
CA LEU D 165 15.70 22.92 -25.75
C LEU D 165 16.13 22.02 -24.60
N LEU D 166 17.27 22.31 -23.95
CA LEU D 166 17.80 21.39 -22.94
C LEU D 166 16.95 21.36 -21.68
N HIS D 167 16.31 22.49 -21.35
CA HIS D 167 15.24 22.64 -20.36
C HIS D 167 15.68 22.43 -18.91
N SER D 168 16.94 22.03 -18.66
CA SER D 168 17.56 21.81 -17.35
C SER D 168 16.88 20.74 -16.49
N ASN D 169 15.92 20.01 -17.06
CA ASN D 169 15.28 18.88 -16.41
C ASN D 169 15.41 17.61 -17.23
N GLY D 170 15.12 17.68 -18.52
CA GLY D 170 15.22 16.51 -19.38
C GLY D 170 16.23 16.65 -20.50
N ASN D 171 15.95 16.00 -21.61
CA ASN D 171 16.77 16.10 -22.81
C ASN D 171 16.24 17.24 -23.67
N THR D 172 16.67 17.31 -24.92
CA THR D 172 16.15 18.32 -25.84
C THR D 172 14.95 17.74 -26.58
N TYR D 173 13.87 18.52 -26.65
CA TYR D 173 12.57 17.98 -27.01
C TYR D 173 12.30 18.18 -28.50
N LEU D 174 13.20 17.66 -29.34
CA LEU D 174 13.04 17.73 -30.78
C LEU D 174 12.75 16.36 -31.35
N TYR D 175 11.80 16.31 -32.28
CA TYR D 175 11.20 15.06 -32.76
C TYR D 175 11.40 14.96 -34.27
N TRP D 176 12.04 13.89 -34.71
CA TRP D 176 12.37 13.68 -36.11
C TRP D 176 11.28 12.86 -36.80
N PHE D 177 10.71 13.42 -37.85
CA PHE D 177 9.64 12.76 -38.56
C PHE D 177 9.96 12.52 -40.02
N LEU D 178 10.34 11.30 -40.37
CA LEU D 178 10.59 11.01 -41.76
C LEU D 178 9.23 10.85 -42.40
N GLN D 179 9.08 11.25 -43.65
CA GLN D 179 7.80 11.09 -44.31
C GLN D 179 7.90 10.61 -45.74
N ARG D 180 7.45 9.38 -45.97
CA ARG D 180 7.44 8.82 -47.31
C ARG D 180 6.45 9.60 -48.16
N PRO D 181 6.78 9.85 -49.44
CA PRO D 181 6.11 10.94 -50.18
C PRO D 181 4.63 10.74 -50.45
N GLY D 182 4.18 9.50 -50.61
CA GLY D 182 2.78 9.28 -50.91
C GLY D 182 1.96 8.69 -49.78
N GLN D 183 2.34 8.99 -48.54
CA GLN D 183 1.63 8.46 -47.38
C GLN D 183 1.86 9.38 -46.20
N SER D 184 1.46 8.91 -45.02
CA SER D 184 1.57 9.64 -43.77
C SER D 184 3.02 9.72 -43.31
N PRO D 185 3.36 10.72 -42.49
CA PRO D 185 4.68 10.74 -41.86
C PRO D 185 4.76 9.76 -40.70
N GLN D 186 5.95 9.65 -40.15
CA GLN D 186 6.24 8.66 -39.11
C GLN D 186 7.43 9.13 -38.29
N LEU D 187 7.35 8.94 -36.98
CA LEU D 187 8.39 9.42 -36.08
C LEU D 187 9.66 8.60 -36.22
N LEU D 188 10.79 9.27 -36.36
CA LEU D 188 12.09 8.62 -36.31
C LEU D 188 12.73 8.70 -34.92
N ILE D 189 12.99 9.93 -34.52
CA ILE D 189 13.62 10.21 -33.25
C ILE D 189 12.83 11.21 -32.41
N TYR D 190 12.21 10.74 -31.34
CA TYR D 190 11.47 11.62 -30.46
C TYR D 190 12.35 12.16 -29.35
N SER D 193 17.20 12.41 -30.04
CA SER D 193 18.19 11.32 -30.05
C SER D 193 17.79 10.01 -29.37
N ASN D 194 16.53 9.64 -29.51
CA ASN D 194 15.98 8.40 -28.98
C ASN D 194 15.37 7.79 -30.22
N LEU D 195 15.64 6.51 -30.53
CA LEU D 195 15.09 6.06 -31.80
C LEU D 195 13.73 5.42 -31.55
N ALA D 196 12.76 5.74 -32.40
CA ALA D 196 11.46 5.09 -32.30
C ALA D 196 11.58 3.62 -32.66
N SER D 197 10.69 2.80 -32.08
CA SER D 197 10.81 1.35 -32.23
C SER D 197 10.42 0.87 -33.61
N GLY D 198 9.59 1.61 -34.34
CA GLY D 198 9.18 1.21 -35.67
C GLY D 198 10.14 1.56 -36.78
N VAL D 199 11.22 2.27 -36.49
CA VAL D 199 12.18 2.72 -37.50
C VAL D 199 13.55 2.15 -37.16
N PRO D 200 14.39 1.81 -38.15
CA PRO D 200 15.59 1.02 -37.86
C PRO D 200 16.74 1.84 -37.30
N ASP D 201 17.76 1.11 -36.83
CA ASP D 201 18.87 1.67 -36.08
C ASP D 201 19.89 2.41 -36.94
N ARG D 202 19.67 2.50 -38.26
CA ARG D 202 20.54 3.32 -39.09
C ARG D 202 20.33 4.80 -38.80
N PHE D 203 19.12 5.18 -38.41
CA PHE D 203 18.85 6.55 -38.00
C PHE D 203 19.51 6.84 -36.65
N SER D 204 19.93 8.08 -36.48
CA SER D 204 20.50 8.52 -35.21
C SER D 204 20.30 10.03 -35.11
N GLY D 205 20.34 10.52 -33.89
CA GLY D 205 20.17 11.94 -33.64
C GLY D 205 21.19 12.45 -32.65
N SER D 206 21.58 13.71 -32.83
CA SER D 206 22.48 14.39 -31.92
C SER D 206 22.08 15.86 -31.88
N GLY D 207 22.67 16.58 -30.93
CA GLY D 207 22.34 17.98 -30.81
C GLY D 207 22.94 18.57 -29.55
N SER D 208 22.84 19.90 -29.45
CA SER D 208 23.43 20.63 -28.33
C SER D 208 22.50 21.73 -27.85
N GLY D 209 21.19 21.52 -27.93
CA GLY D 209 20.22 22.49 -27.47
C GLY D 209 19.74 23.45 -28.54
N THR D 210 20.59 23.78 -29.50
CA THR D 210 20.22 24.72 -30.55
C THR D 210 20.30 24.13 -31.94
N ALA D 211 21.36 23.39 -32.25
CA ALA D 211 21.57 22.81 -33.57
C ALA D 211 21.46 21.30 -33.46
N PHE D 212 20.57 20.71 -34.24
CA PHE D 212 20.27 19.29 -34.18
C PHE D 212 20.41 18.66 -35.56
N THR D 213 21.05 17.50 -35.62
CA THR D 213 21.25 16.84 -36.90
C THR D 213 20.85 15.38 -36.79
N LEU D 214 20.20 14.88 -37.84
CA LEU D 214 19.73 13.50 -37.93
C LEU D 214 20.70 12.73 -38.82
N THR D 215 21.53 11.90 -38.21
CA THR D 215 22.64 11.25 -38.90
C THR D 215 22.20 9.85 -39.33
N ILE D 216 21.56 9.78 -40.50
CA ILE D 216 21.31 8.51 -41.14
C ILE D 216 22.66 7.90 -41.53
N SER D 217 22.79 6.58 -41.35
CA SER D 217 24.05 5.91 -41.67
C SER D 217 24.05 5.23 -43.03
N ARG D 218 22.92 4.66 -43.45
CA ARG D 218 22.82 4.04 -44.77
C ARG D 218 21.37 4.13 -45.22
N LEU D 219 21.06 5.12 -46.05
CA LEU D 219 19.69 5.33 -46.46
C LEU D 219 19.30 4.30 -47.54
N GLU D 220 17.99 4.14 -47.71
CA GLU D 220 17.46 3.12 -48.61
C GLU D 220 16.20 3.69 -49.27
N ALA D 221 15.40 2.79 -49.85
CA ALA D 221 14.19 3.21 -50.56
C ALA D 221 13.07 3.61 -49.62
N GLU D 222 13.21 3.38 -48.31
CA GLU D 222 12.24 3.88 -47.35
C GLU D 222 12.61 5.27 -46.87
N ASP D 223 13.92 5.57 -46.81
CA ASP D 223 14.37 6.85 -46.26
C ASP D 223 14.16 8.01 -47.22
N VAL D 224 13.88 7.74 -48.50
CA VAL D 224 13.64 8.83 -49.44
C VAL D 224 12.30 9.48 -49.15
N GLY D 225 12.31 10.80 -48.97
CA GLY D 225 11.14 11.51 -48.52
C GLY D 225 11.51 12.63 -47.58
N VAL D 226 10.54 13.47 -47.24
CA VAL D 226 10.82 14.69 -46.50
C VAL D 226 11.03 14.36 -45.03
N TYR D 227 12.06 14.95 -44.44
CA TYR D 227 12.30 14.88 -43.01
C TYR D 227 11.70 16.11 -42.33
N TYR D 228 11.54 16.02 -41.01
CA TYR D 228 10.91 17.09 -40.25
C TYR D 228 11.45 17.09 -38.84
N CYS D 229 11.66 18.29 -38.28
CA CYS D 229 12.09 18.45 -36.90
C CYS D 229 11.07 19.30 -36.16
N MET D 230 10.32 18.68 -35.26
CA MET D 230 9.35 19.41 -34.45
C MET D 230 9.88 19.55 -33.03
N GLN D 231 9.85 20.77 -32.50
CA GLN D 231 10.18 21.00 -31.11
C GLN D 231 9.03 20.54 -30.22
N HIS D 232 9.32 20.38 -28.93
CA HIS D 232 8.24 20.17 -27.98
C HIS D 232 8.48 20.87 -26.65
N LEU D 233 8.89 22.14 -26.63
CA LEU D 233 8.86 22.89 -25.39
C LEU D 233 7.78 23.96 -25.38
N GLU D 234 7.87 24.92 -26.29
CA GLU D 234 6.81 25.92 -26.43
C GLU D 234 5.72 25.28 -27.28
N TYR D 235 4.50 25.27 -26.76
CA TYR D 235 3.51 24.35 -27.33
C TYR D 235 3.04 24.72 -28.73
N PRO D 236 3.13 25.98 -29.21
CA PRO D 236 3.11 26.16 -30.66
C PRO D 236 4.23 25.36 -31.32
N LEU D 237 3.85 24.30 -32.04
CA LEU D 237 4.79 23.34 -32.59
C LEU D 237 5.03 23.65 -34.05
N THR D 238 6.29 23.92 -34.39
CA THR D 238 6.68 24.19 -35.76
C THR D 238 7.65 23.12 -36.22
N PHE D 239 7.66 22.88 -37.52
CA PHE D 239 8.42 21.78 -38.10
C PHE D 239 9.55 22.23 -39.03
N GLY D 240 9.35 23.28 -39.78
CA GLY D 240 10.30 23.56 -40.84
C GLY D 240 9.98 22.80 -42.10
N ALA D 241 10.47 23.32 -43.23
CA ALA D 241 10.18 22.72 -44.52
C ALA D 241 10.86 21.36 -44.66
N GLY D 242 12.01 21.18 -44.04
CA GLY D 242 12.65 19.89 -43.99
C GLY D 242 13.37 19.46 -45.25
N THR D 243 14.39 18.64 -45.09
CA THR D 243 15.17 18.13 -46.21
C THR D 243 14.34 17.11 -46.98
N LYS D 244 13.76 17.56 -48.10
CA LYS D 244 13.01 16.67 -48.98
C LYS D 244 14.01 15.83 -49.76
N LEU D 245 14.33 14.67 -49.20
CA LEU D 245 15.28 13.76 -49.84
C LEU D 245 14.69 13.17 -51.11
N GLU D 246 15.50 13.16 -52.17
CA GLU D 246 15.05 12.67 -53.46
C GLU D 246 16.09 11.76 -54.09
N SER E 8 11.25 -37.58 1.74
CA SER E 8 11.29 -38.95 2.21
C SER E 8 12.54 -39.67 1.73
N ILE E 9 12.38 -40.51 0.72
CA ILE E 9 13.54 -41.20 0.14
C ILE E 9 13.97 -40.51 -1.15
N ALA E 10 13.02 -40.19 -2.03
CA ALA E 10 13.34 -39.60 -3.32
C ALA E 10 13.80 -38.15 -3.18
N GLN E 11 13.30 -37.44 -2.17
CA GLN E 11 13.79 -36.10 -1.89
C GLN E 11 15.17 -36.15 -1.25
N ALA E 12 15.43 -37.20 -0.47
CA ALA E 12 16.76 -37.35 0.14
C ALA E 12 17.75 -38.00 -0.82
N ARG E 13 17.24 -38.67 -1.87
CA ARG E 13 18.15 -39.22 -2.89
C ARG E 13 18.75 -38.10 -3.72
N LYS E 14 17.98 -37.05 -3.99
CA LYS E 14 18.45 -35.91 -4.75
C LYS E 14 18.99 -34.78 -3.86
N LEU E 15 18.91 -34.94 -2.54
CA LEU E 15 19.45 -33.91 -1.64
C LEU E 15 20.97 -33.98 -1.59
N VAL E 16 21.53 -35.18 -1.59
CA VAL E 16 22.98 -35.34 -1.49
C VAL E 16 23.65 -34.93 -2.80
N GLU E 17 22.95 -35.10 -3.93
CA GLU E 17 23.49 -34.64 -5.20
C GLU E 17 23.48 -33.12 -5.28
N GLN E 18 22.49 -32.48 -4.64
CA GLN E 18 22.45 -31.03 -4.54
C GLN E 18 23.32 -30.51 -3.40
N LEU E 19 23.97 -31.38 -2.64
CA LEU E 19 24.84 -30.99 -1.55
C LEU E 19 26.29 -31.45 -1.74
N LYS E 20 26.53 -32.44 -2.61
CA LYS E 20 27.90 -32.83 -2.90
C LYS E 20 28.62 -31.76 -3.72
N MET E 21 27.90 -31.09 -4.61
CA MET E 21 28.50 -29.99 -5.36
C MET E 21 28.70 -28.77 -4.47
N GLU E 22 27.89 -28.61 -3.42
CA GLU E 22 28.13 -27.56 -2.45
C GLU E 22 29.25 -27.91 -1.48
N ALA E 23 29.70 -29.17 -1.47
CA ALA E 23 30.80 -29.57 -0.60
C ALA E 23 32.15 -29.28 -1.24
N ASN E 24 32.33 -29.66 -2.51
CA ASN E 24 33.59 -29.45 -3.22
C ASN E 24 33.50 -28.13 -4.00
N ILE E 25 33.34 -27.04 -3.27
CA ILE E 25 33.29 -25.71 -3.86
C ILE E 25 34.56 -24.97 -3.45
N ASP E 26 35.00 -24.03 -4.28
CA ASP E 26 36.20 -23.26 -4.00
C ASP E 26 35.86 -22.12 -3.03
N ARG E 27 35.73 -22.49 -1.77
CA ARG E 27 35.44 -21.53 -0.71
C ARG E 27 36.72 -20.76 -0.39
N ILE E 28 36.75 -19.47 -0.74
CA ILE E 28 37.93 -18.67 -0.47
C ILE E 28 37.96 -18.28 1.00
N LYS E 29 39.10 -17.74 1.43
CA LYS E 29 39.28 -17.34 2.83
C LYS E 29 38.37 -16.17 3.17
N VAL E 30 37.78 -16.20 4.37
CA VAL E 30 36.70 -15.28 4.69
C VAL E 30 37.25 -13.88 4.93
N SER E 31 38.55 -13.77 5.21
CA SER E 31 39.18 -12.47 5.34
C SER E 31 39.53 -11.90 3.97
N LYS E 32 40.03 -12.75 3.07
CA LYS E 32 40.36 -12.31 1.73
C LYS E 32 39.10 -12.07 0.90
N ALA E 33 38.01 -12.77 1.22
CA ALA E 33 36.73 -12.46 0.62
C ALA E 33 36.20 -11.12 1.12
N ALA E 34 36.29 -10.89 2.44
CA ALA E 34 35.88 -9.61 2.99
C ALA E 34 36.83 -8.49 2.63
N ALA E 35 38.07 -8.83 2.24
CA ALA E 35 38.98 -7.82 1.71
C ALA E 35 38.47 -7.28 0.39
N ASP E 36 37.99 -8.16 -0.50
CA ASP E 36 37.41 -7.71 -1.76
C ASP E 36 36.05 -7.06 -1.55
N LEU E 37 35.38 -7.40 -0.44
CA LEU E 37 34.20 -6.66 -0.04
C LEU E 37 34.56 -5.22 0.34
N MET E 38 35.61 -5.05 1.14
CA MET E 38 36.05 -3.71 1.49
C MET E 38 36.72 -3.01 0.31
N ALA E 39 37.23 -3.78 -0.65
CA ALA E 39 37.89 -3.19 -1.80
C ALA E 39 36.89 -2.56 -2.77
N TYR E 40 35.76 -3.24 -3.00
CA TYR E 40 34.79 -2.71 -3.95
C TYR E 40 34.10 -1.47 -3.43
N CYS E 41 33.94 -1.36 -2.11
CA CYS E 41 33.36 -0.16 -1.53
C CYS E 41 34.38 0.97 -1.51
N GLU E 42 35.66 0.65 -1.29
CA GLU E 42 36.68 1.69 -1.29
C GLU E 42 36.96 2.19 -2.69
N ALA E 43 37.08 1.29 -3.67
CA ALA E 43 37.42 1.71 -5.03
C ALA E 43 36.24 2.37 -5.73
N HIS E 44 35.02 2.12 -5.26
CA HIS E 44 33.81 2.68 -5.85
C HIS E 44 33.00 3.29 -4.71
N ALA E 45 33.31 4.55 -4.36
CA ALA E 45 32.55 5.27 -3.36
C ALA E 45 32.21 6.70 -3.74
N LYS E 46 32.98 7.34 -4.63
CA LYS E 46 32.63 8.68 -5.07
C LYS E 46 31.51 8.63 -6.09
N GLU E 47 31.33 7.49 -6.75
CA GLU E 47 30.19 7.29 -7.64
C GLU E 47 28.95 6.82 -6.90
N ASP E 48 29.04 6.65 -5.58
CA ASP E 48 27.94 6.24 -4.72
C ASP E 48 27.24 7.45 -4.12
N PRO E 49 26.01 7.74 -4.52
CA PRO E 49 25.31 8.94 -4.02
C PRO E 49 24.67 8.78 -2.66
N LEU E 50 25.01 7.76 -1.89
CA LEU E 50 24.45 7.55 -0.57
C LEU E 50 25.49 7.59 0.53
N LEU E 51 26.73 7.20 0.25
CA LEU E 51 27.83 7.51 1.17
C LEU E 51 28.11 9.00 1.17
N THR E 52 28.54 9.52 0.03
CA THR E 52 28.71 10.96 -0.15
C THR E 52 27.46 11.55 -0.79
N PRO E 53 26.79 12.49 -0.15
CA PRO E 53 25.59 13.09 -0.74
C PRO E 53 25.95 13.97 -1.92
N VAL E 54 25.36 13.65 -3.08
CA VAL E 54 25.49 14.47 -4.28
C VAL E 54 24.83 15.82 -4.02
N PRO E 55 25.42 16.94 -4.45
CA PRO E 55 24.84 18.26 -4.16
C PRO E 55 23.45 18.46 -4.76
N ALA E 56 22.72 19.41 -4.18
CA ALA E 56 21.27 19.50 -4.39
C ALA E 56 20.91 19.95 -5.79
N SER E 57 21.87 20.50 -6.55
CA SER E 57 21.61 20.88 -7.93
C SER E 57 21.84 19.70 -8.88
N GLU E 58 22.77 18.82 -8.53
CA GLU E 58 23.17 17.76 -9.47
C GLU E 58 22.21 16.57 -9.40
N ASN E 59 21.82 16.18 -8.18
CA ASN E 59 20.86 15.09 -8.08
C ASN E 59 19.46 15.60 -8.41
N PRO E 60 18.61 14.76 -9.02
CA PRO E 60 17.29 15.22 -9.48
C PRO E 60 16.22 15.29 -8.39
N PHE E 61 16.58 15.15 -7.13
CA PHE E 61 15.62 15.24 -6.04
C PHE E 61 15.84 16.55 -5.30
N ARG E 62 15.22 17.61 -5.82
CA ARG E 62 15.24 18.92 -5.22
C ARG E 62 13.85 19.53 -5.34
N GLU E 63 13.51 20.38 -4.37
CA GLU E 63 12.22 21.07 -4.26
C GLU E 63 11.01 20.13 -4.27
N GLN F 1 22.13 -22.97 9.94
CA GLN F 1 20.89 -23.71 9.77
C GLN F 1 20.04 -23.62 11.03
N VAL F 2 18.90 -24.31 11.02
CA VAL F 2 18.04 -24.42 12.18
C VAL F 2 17.92 -25.91 12.50
N GLN F 3 18.83 -26.39 13.36
CA GLN F 3 18.92 -27.81 13.66
C GLN F 3 18.05 -28.12 14.87
N LEU F 4 17.07 -29.00 14.67
CA LEU F 4 16.16 -29.42 15.74
C LEU F 4 16.16 -30.94 15.77
N GLN F 5 16.99 -31.51 16.63
CA GLN F 5 17.19 -32.96 16.71
C GLN F 5 16.42 -33.50 17.91
N GLU F 6 15.46 -34.39 17.65
CA GLU F 6 14.65 -34.98 18.69
C GLU F 6 15.34 -36.23 19.25
N SER F 7 15.14 -36.49 20.53
CA SER F 7 15.71 -37.68 21.16
C SER F 7 14.63 -38.71 21.46
N GLN F 13 3.39 -51.67 27.64
CA GLN F 13 4.15 -50.67 26.87
C GLN F 13 3.53 -49.25 26.84
N PRO F 14 2.17 -49.09 26.83
CA PRO F 14 1.63 -47.76 27.17
C PRO F 14 1.85 -47.40 28.62
N GLY F 15 1.76 -46.12 28.94
CA GLY F 15 1.98 -45.64 30.30
C GLY F 15 3.42 -45.47 30.69
N GLY F 16 4.37 -45.90 29.86
CA GLY F 16 5.77 -45.74 30.19
C GLY F 16 6.19 -44.29 30.01
N SER F 17 6.90 -43.76 31.01
CA SER F 17 7.33 -42.36 31.00
C SER F 17 8.51 -42.23 30.04
N LEU F 18 8.20 -42.02 28.76
CA LEU F 18 9.21 -41.79 27.74
C LEU F 18 9.26 -40.29 27.44
N ARG F 19 10.31 -39.63 27.89
CA ARG F 19 10.51 -38.22 27.63
C ARG F 19 11.65 -38.06 26.63
N LEU F 20 11.46 -37.16 25.66
CA LEU F 20 12.40 -36.97 24.57
C LEU F 20 12.89 -35.52 24.58
N SER F 21 14.17 -35.34 24.28
CA SER F 21 14.85 -34.06 24.42
C SER F 21 15.17 -33.51 23.03
N CYS F 22 14.43 -32.49 22.61
CA CYS F 22 14.77 -31.76 21.41
C CYS F 22 16.03 -30.94 21.61
N ALA F 23 16.92 -30.99 20.63
CA ALA F 23 18.17 -30.24 20.64
C ALA F 23 18.11 -29.15 19.59
N ALA F 24 17.97 -27.91 20.04
CA ALA F 24 17.81 -26.76 19.15
C ALA F 24 19.15 -26.08 18.96
N SER F 25 19.77 -26.31 17.80
CA SER F 25 21.07 -25.73 17.48
C SER F 25 20.94 -24.86 16.25
N GLY F 26 21.92 -23.97 16.07
CA GLY F 26 21.96 -23.12 14.90
C GLY F 26 21.14 -21.85 14.99
N PHE F 27 20.42 -21.64 16.09
CA PHE F 27 19.66 -20.42 16.25
C PHE F 27 19.55 -20.09 17.72
N THR F 28 18.80 -19.03 18.03
CA THR F 28 18.81 -18.47 19.37
C THR F 28 18.06 -19.36 20.37
N PHE F 29 16.85 -19.76 20.01
CA PHE F 29 15.94 -20.62 20.78
C PHE F 29 15.51 -20.00 22.12
N SER F 30 15.78 -18.72 22.33
CA SER F 30 15.32 -18.05 23.53
C SER F 30 14.06 -17.25 23.27
N ASN F 31 13.95 -16.63 22.10
CA ASN F 31 12.78 -15.88 21.68
C ASN F 31 12.03 -16.61 20.57
N TYR F 32 11.98 -17.94 20.66
CA TYR F 32 11.29 -18.78 19.69
C TYR F 32 10.35 -19.72 20.42
N LYS F 33 9.06 -19.64 20.11
CA LYS F 33 8.02 -20.37 20.83
C LYS F 33 7.93 -21.80 20.29
N MET F 34 8.98 -22.59 20.55
CA MET F 34 9.16 -23.91 19.94
C MET F 34 8.11 -24.92 20.37
N ASN F 35 7.17 -25.22 19.47
CA ASN F 35 6.11 -26.17 19.74
C ASN F 35 6.53 -27.60 19.39
N TRP F 36 5.59 -28.53 19.60
CA TRP F 36 5.74 -29.93 19.23
C TRP F 36 4.61 -30.33 18.31
N VAL F 37 4.92 -31.19 17.34
CA VAL F 37 3.93 -31.78 16.45
C VAL F 37 4.18 -33.28 16.34
N ARG F 38 3.12 -34.01 16.06
CA ARG F 38 3.14 -35.46 15.96
C ARG F 38 2.89 -35.90 14.52
N GLN F 39 3.05 -37.20 14.27
CA GLN F 39 2.85 -37.80 12.95
C GLN F 39 2.03 -39.08 13.07
N ALA F 40 0.93 -39.01 13.82
CA ALA F 40 0.05 -40.16 13.98
C ALA F 40 -0.76 -40.43 12.71
N SER F 49 0.08 -27.81 20.76
CA SER F 49 0.96 -28.13 21.89
C SER F 49 2.26 -27.33 21.82
N ASP F 50 2.28 -26.18 22.48
CA ASP F 50 3.40 -25.26 22.31
C ASP F 50 4.07 -24.83 23.59
N ILE F 51 4.94 -23.84 23.48
CA ILE F 51 5.64 -23.19 24.57
C ILE F 51 5.69 -21.70 24.23
N SER F 52 6.15 -20.88 25.16
CA SER F 52 6.47 -19.49 24.87
C SER F 52 7.95 -19.26 25.12
N GLN F 53 8.37 -18.01 25.02
CA GLN F 53 9.75 -17.65 25.32
C GLN F 53 10.00 -17.72 26.82
N SER F 54 11.07 -18.42 27.21
CA SER F 54 11.43 -18.74 28.60
C SER F 54 10.29 -19.38 29.38
N GLY F 55 9.49 -20.22 28.71
CA GLY F 55 8.38 -20.89 29.34
C GLY F 55 7.26 -19.95 29.72
N ALA F 56 6.52 -20.35 30.77
CA ALA F 56 5.50 -19.59 31.48
C ALA F 56 4.26 -19.27 30.65
N SER F 57 4.13 -19.81 29.44
CA SER F 57 2.87 -19.80 28.71
C SER F 57 2.87 -21.06 27.84
N ILE F 58 2.31 -22.13 28.38
CA ILE F 58 2.35 -23.45 27.77
C ILE F 58 0.94 -23.87 27.41
N SER F 59 0.76 -24.40 26.21
CA SER F 59 -0.54 -24.88 25.77
C SER F 59 -0.38 -26.31 25.26
N TYR F 60 -1.50 -27.03 25.21
CA TYR F 60 -1.50 -28.43 24.81
C TYR F 60 -2.67 -28.68 23.89
N THR F 61 -2.93 -29.96 23.63
CA THR F 61 -3.97 -30.39 22.72
C THR F 61 -5.21 -30.86 23.48
N VAL F 64 -4.73 -35.67 26.86
CA VAL F 64 -3.58 -35.18 26.10
C VAL F 64 -3.08 -33.86 26.68
N LYS F 65 -3.96 -33.17 27.41
CA LYS F 65 -3.58 -31.90 28.02
C LYS F 65 -2.90 -32.08 29.37
N GLY F 66 -2.82 -33.30 29.88
CA GLY F 66 -2.10 -33.56 31.11
C GLY F 66 -1.22 -34.78 31.04
N ARG F 67 -1.34 -35.52 29.92
CA ARG F 67 -0.56 -36.74 29.75
C ARG F 67 0.91 -36.42 29.48
N PHE F 68 1.17 -35.44 28.62
CA PHE F 68 2.52 -35.00 28.30
C PHE F 68 2.65 -33.50 28.60
N THR F 69 3.80 -33.11 29.13
CA THR F 69 4.05 -31.72 29.47
C THR F 69 5.30 -31.22 28.75
N ILE F 70 5.27 -29.94 28.38
CA ILE F 70 6.33 -29.34 27.55
C ILE F 70 7.16 -28.47 28.48
N SER F 71 8.34 -28.95 28.82
CA SER F 71 9.31 -28.10 29.50
C SER F 71 10.16 -27.39 28.45
N ARG F 72 11.16 -26.63 28.92
CA ARG F 72 12.03 -25.86 28.05
C ARG F 72 13.27 -25.45 28.85
N ASP F 73 14.42 -25.44 28.18
CA ASP F 73 15.65 -24.97 28.81
C ASP F 73 16.42 -24.16 27.75
N ASN F 74 16.27 -22.84 27.81
CA ASN F 74 16.97 -21.99 26.86
C ASN F 74 18.44 -21.83 27.23
N ALA F 75 18.78 -22.01 28.51
CA ALA F 75 20.18 -21.94 28.92
C ALA F 75 20.96 -23.14 28.41
N LYS F 76 20.35 -24.32 28.44
CA LYS F 76 20.96 -25.50 27.86
C LYS F 76 20.68 -25.63 26.36
N ASN F 77 19.93 -24.68 25.79
CA ASN F 77 19.62 -24.59 24.36
C ASN F 77 18.91 -25.84 23.86
N THR F 78 17.77 -26.14 24.47
CA THR F 78 17.07 -27.40 24.23
C THR F 78 15.60 -27.28 24.61
N LEU F 79 14.77 -28.08 23.95
CA LEU F 79 13.37 -28.20 24.27
C LEU F 79 13.09 -29.58 24.85
N TYR F 80 12.27 -29.63 25.90
CA TYR F 80 11.93 -30.87 26.57
C TYR F 80 10.45 -31.17 26.38
N LEU F 81 10.13 -32.44 26.20
CA LEU F 81 8.75 -32.94 26.26
C LEU F 81 8.74 -34.17 27.14
N GLN F 82 7.88 -34.17 28.16
CA GLN F 82 7.81 -35.24 29.15
C GLN F 82 6.49 -35.98 28.96
N MET F 83 6.52 -36.99 28.10
CA MET F 83 5.36 -37.85 27.90
C MET F 83 5.40 -38.98 28.93
N ASN F 84 4.46 -38.95 29.87
CA ASN F 84 4.46 -39.89 30.99
C ASN F 84 3.42 -40.99 30.81
N SER F 85 2.16 -40.60 30.61
CA SER F 85 1.02 -41.52 30.56
C SER F 85 0.54 -41.75 29.13
N LEU F 86 1.48 -41.93 28.20
CA LEU F 86 1.15 -41.95 26.77
C LEU F 86 0.29 -43.15 26.39
N LYS F 87 -0.68 -42.89 25.52
CA LYS F 87 -1.57 -43.86 24.94
C LYS F 87 -0.86 -44.65 23.84
N PRO F 88 -1.43 -45.76 23.37
CA PRO F 88 -0.86 -46.39 22.17
C PRO F 88 -1.00 -45.55 20.91
N GLU F 89 -1.95 -44.61 20.88
CA GLU F 89 -2.07 -43.70 19.74
C GLU F 89 -0.95 -42.66 19.75
N ASP F 90 -0.34 -42.40 20.91
CA ASP F 90 0.75 -41.43 20.99
C ASP F 90 2.06 -41.97 20.42
N THR F 91 2.15 -43.28 20.19
CA THR F 91 3.37 -43.87 19.64
C THR F 91 3.47 -43.56 18.15
N ALA F 92 4.08 -42.42 17.82
CA ALA F 92 4.25 -42.01 16.43
C ALA F 92 5.55 -41.21 16.32
N VAL F 93 5.80 -40.71 15.10
CA VAL F 93 6.99 -39.92 14.87
C VAL F 93 6.79 -38.53 15.44
N TYR F 94 7.74 -38.07 16.24
CA TYR F 94 7.67 -36.77 16.90
C TYR F 94 8.61 -35.80 16.22
N TYR F 95 8.19 -34.55 16.13
CA TYR F 95 8.96 -33.51 15.46
C TYR F 95 8.97 -32.25 16.32
N CYS F 96 10.17 -31.75 16.58
CA CYS F 96 10.35 -30.54 17.38
C CYS F 96 10.22 -29.33 16.47
N ALA F 97 9.01 -28.77 16.45
CA ALA F 97 8.75 -27.64 15.57
C ALA F 97 9.21 -26.34 16.22
N ARG F 98 9.29 -25.30 15.40
CA ARG F 98 9.84 -24.01 15.81
C ARG F 98 9.02 -22.91 15.15
N CYS F 99 8.35 -22.11 15.95
CA CYS F 99 7.60 -20.99 15.39
C CYS F 99 8.56 -19.88 15.01
N PRO F 100 8.77 -19.63 13.72
CA PRO F 100 9.98 -18.93 13.28
C PRO F 100 9.92 -17.41 13.42
N ALA F 101 8.73 -16.84 13.50
CA ALA F 101 8.62 -15.41 13.72
C ALA F 101 8.93 -15.12 15.18
N PRO F 102 10.06 -14.47 15.50
CA PRO F 102 10.48 -14.35 16.90
C PRO F 102 9.66 -13.32 17.64
N PHE F 103 9.51 -13.55 18.95
CA PHE F 103 8.75 -12.72 19.88
C PHE F 103 7.31 -12.52 19.44
N THR F 104 6.72 -13.53 18.79
CA THR F 104 5.39 -13.44 18.22
C THR F 104 4.81 -14.84 18.14
N ARG F 105 3.60 -15.00 18.67
CA ARG F 105 2.90 -16.30 18.63
C ARG F 105 2.19 -16.48 17.28
N ASP F 106 3.01 -16.73 16.26
CA ASP F 106 2.53 -16.88 14.90
C ASP F 106 2.87 -18.27 14.38
N CYS F 107 2.54 -19.29 15.17
CA CYS F 107 2.99 -20.64 14.87
C CYS F 107 2.30 -21.23 13.66
N PHE F 108 2.93 -21.07 12.50
CA PHE F 108 2.41 -21.65 11.28
C PHE F 108 3.29 -22.81 10.82
N THR F 114 3.62 -32.60 4.86
CA THR F 114 3.61 -31.28 4.22
C THR F 114 4.13 -30.20 5.18
N TYR F 115 4.02 -30.45 6.49
CA TYR F 115 4.66 -29.62 7.49
C TYR F 115 6.14 -29.98 7.39
N ALA F 116 6.96 -29.09 6.83
CA ALA F 116 8.28 -29.48 6.34
C ALA F 116 9.46 -28.77 7.01
N TYR F 117 9.29 -27.51 7.40
CA TYR F 117 10.42 -26.71 7.86
C TYR F 117 10.86 -27.05 9.27
#